data_6TRM
#
_entry.id   6TRM
#
_entity_poly.entity_id   1
_entity_poly.type   'polypeptide(L)'
_entity_poly.pdbx_seq_one_letter_code
;DTCGGGYGVDQRRTNSPCQASNGDRHFCGCDRTGIVECKGGKWTEIQDCGGASCRGVSQGGARC
;
_entity_poly.pdbx_strand_id   A
#
# COMPACT_ATOMS: atom_id res chain seq x y z
N ASP A 1 11.06 5.45 0.60
CA ASP A 1 9.88 6.29 0.78
C ASP A 1 8.64 5.43 1.00
N THR A 2 8.84 4.14 1.23
CA THR A 2 7.74 3.22 1.46
C THR A 2 6.88 3.65 2.64
N CYS A 3 7.50 4.37 3.58
CA CYS A 3 6.79 4.85 4.76
C CYS A 3 7.67 5.84 5.53
N GLY A 4 8.56 6.51 4.83
CA GLY A 4 9.44 7.47 5.47
C GLY A 4 10.26 6.86 6.59
N GLY A 5 10.37 5.54 6.58
CA GLY A 5 11.13 4.86 7.61
C GLY A 5 10.28 3.95 8.46
N GLY A 6 10.68 2.68 8.55
CA GLY A 6 9.91 1.72 9.34
C GLY A 6 8.72 1.16 8.59
N TYR A 7 8.80 1.19 7.27
CA TYR A 7 7.71 0.68 6.43
C TYR A 7 7.55 -0.83 6.60
N GLY A 8 6.33 -1.30 6.43
CA GLY A 8 6.05 -2.72 6.57
C GLY A 8 6.36 -3.50 5.31
N VAL A 9 6.00 -4.78 5.30
CA VAL A 9 6.24 -5.63 4.15
C VAL A 9 5.21 -5.38 3.05
N ASP A 10 3.98 -5.10 3.46
CA ASP A 10 2.90 -4.84 2.52
C ASP A 10 2.36 -3.41 2.69
N GLN A 11 3.17 -2.55 3.27
CA GLN A 11 2.77 -1.17 3.50
C GLN A 11 3.55 -0.21 2.59
N ARG A 12 2.84 0.74 2.00
CA ARG A 12 3.46 1.71 1.11
C ARG A 12 3.03 3.14 1.46
N ARG A 13 3.79 4.11 0.98
CA ARG A 13 3.48 5.52 1.24
C ARG A 13 2.60 6.09 0.14
N THR A 14 1.56 6.83 0.53
CA THR A 14 0.65 7.43 -0.42
C THR A 14 1.32 8.57 -1.18
N ASN A 15 0.90 8.76 -2.43
CA ASN A 15 1.46 9.82 -3.27
C ASN A 15 2.95 9.58 -3.53
N SER A 16 3.37 8.32 -3.39
CA SER A 16 4.76 7.95 -3.62
C SER A 16 4.91 7.15 -4.91
N PRO A 17 6.10 7.22 -5.52
CA PRO A 17 6.40 6.50 -6.76
C PRO A 17 6.50 5.00 -6.55
N CYS A 18 5.89 4.23 -7.45
CA CYS A 18 5.90 2.79 -7.37
C CYS A 18 6.55 2.17 -8.61
N GLN A 19 6.82 0.88 -8.55
CA GLN A 19 7.44 0.17 -9.66
C GLN A 19 6.40 -0.23 -10.71
N ALA A 20 6.86 -0.62 -11.89
CA ALA A 20 5.97 -1.03 -12.97
C ALA A 20 5.22 -2.30 -12.60
N SER A 21 5.92 -3.23 -11.98
CA SER A 21 5.31 -4.51 -11.58
C SER A 21 4.32 -4.31 -10.44
N ASN A 22 4.54 -3.25 -9.66
CA ASN A 22 3.67 -2.94 -8.54
C ASN A 22 2.25 -2.63 -9.01
N GLY A 23 2.13 -2.28 -10.28
CA GLY A 23 0.83 -1.96 -10.84
C GLY A 23 -0.13 -3.14 -10.81
N ASP A 24 0.41 -4.32 -10.58
CA ASP A 24 -0.40 -5.53 -10.52
C ASP A 24 -0.41 -6.12 -9.10
N ARG A 25 -0.31 -5.24 -8.11
CA ARG A 25 -0.30 -5.67 -6.71
C ARG A 25 -1.00 -4.64 -5.83
N HIS A 26 -1.46 -5.08 -4.66
CA HIS A 26 -2.15 -4.21 -3.72
C HIS A 26 -1.38 -4.10 -2.41
N PHE A 27 -1.36 -2.91 -1.83
CA PHE A 27 -0.67 -2.67 -0.58
C PHE A 27 -1.54 -1.88 0.40
N CYS A 28 -1.41 -2.20 1.69
CA CYS A 28 -2.19 -1.51 2.71
C CYS A 28 -1.41 -0.33 3.29
N GLY A 29 -2.00 0.85 3.21
CA GLY A 29 -1.36 2.04 3.72
C GLY A 29 -0.72 1.81 5.08
N CYS A 30 0.28 2.62 5.41
CA CYS A 30 0.97 2.50 6.69
C CYS A 30 0.01 2.65 7.85
N ASP A 31 -1.13 3.29 7.59
CA ASP A 31 -2.15 3.49 8.61
C ASP A 31 -3.01 2.24 8.79
N ARG A 32 -2.86 1.30 7.87
CA ARG A 32 -3.62 0.05 7.93
C ARG A 32 -5.12 0.34 7.93
N THR A 33 -5.50 1.54 7.50
CA THR A 33 -6.89 1.93 7.45
C THR A 33 -7.40 2.00 6.02
N GLY A 34 -6.47 1.98 5.07
CA GLY A 34 -6.85 2.04 3.66
C GLY A 34 -5.87 1.30 2.78
N ILE A 35 -6.35 0.88 1.61
CA ILE A 35 -5.50 0.15 0.67
C ILE A 35 -5.19 1.00 -0.56
N VAL A 36 -3.92 1.02 -0.96
CA VAL A 36 -3.50 1.79 -2.12
C VAL A 36 -2.86 0.88 -3.18
N GLU A 37 -3.09 1.22 -4.44
CA GLU A 37 -2.54 0.45 -5.54
C GLU A 37 -1.65 1.32 -6.43
N CYS A 38 -0.64 0.69 -7.03
CA CYS A 38 0.28 1.41 -7.91
C CYS A 38 -0.41 1.83 -9.20
N LYS A 39 -0.79 3.10 -9.26
CA LYS A 39 -1.47 3.64 -10.44
C LYS A 39 -0.78 4.90 -10.94
N GLY A 40 -0.68 5.04 -12.26
CA GLY A 40 -0.03 6.21 -12.83
C GLY A 40 1.39 6.38 -12.34
N GLY A 41 1.98 5.31 -11.83
CA GLY A 41 3.34 5.38 -11.33
C GLY A 41 3.41 5.85 -9.89
N LYS A 42 2.24 6.04 -9.28
CA LYS A 42 2.18 6.50 -7.90
C LYS A 42 1.15 5.70 -7.11
N TRP A 43 1.38 5.54 -5.81
CA TRP A 43 0.47 4.80 -4.95
C TRP A 43 -0.79 5.61 -4.66
N THR A 44 -1.94 5.10 -5.10
CA THR A 44 -3.20 5.78 -4.90
C THR A 44 -4.21 4.87 -4.18
N GLU A 45 -4.95 5.44 -3.24
CA GLU A 45 -5.94 4.68 -2.49
C GLU A 45 -7.03 4.15 -3.40
N ILE A 46 -7.33 2.87 -3.27
CA ILE A 46 -8.36 2.24 -4.08
C ILE A 46 -9.46 1.62 -3.22
N GLN A 47 -9.16 1.45 -1.94
CA GLN A 47 -10.12 0.88 -1.00
C GLN A 47 -9.91 1.43 0.41
N ASP A 48 -10.97 1.46 1.19
CA ASP A 48 -10.90 1.96 2.56
C ASP A 48 -11.28 0.88 3.56
N CYS A 49 -10.31 0.45 4.36
CA CYS A 49 -10.54 -0.59 5.37
C CYS A 49 -11.35 -0.04 6.54
N GLY A 50 -11.28 1.27 6.73
CA GLY A 50 -12.01 1.89 7.82
C GLY A 50 -11.25 1.86 9.13
N GLY A 51 -10.74 0.69 9.49
CA GLY A 51 -10.00 0.54 10.73
C GLY A 51 -8.54 0.23 10.49
N ALA A 52 -7.68 0.66 11.41
CA ALA A 52 -6.24 0.41 11.29
C ALA A 52 -5.90 -1.02 11.64
N SER A 53 -6.26 -1.95 10.75
CA SER A 53 -5.99 -3.36 10.97
C SER A 53 -5.67 -4.07 9.65
N CYS A 54 -5.47 -3.28 8.60
CA CYS A 54 -5.15 -3.82 7.29
C CYS A 54 -3.71 -4.32 7.23
N ARG A 55 -3.54 -5.58 6.88
CA ARG A 55 -2.21 -6.18 6.79
C ARG A 55 -2.09 -7.07 5.56
N GLY A 56 -0.95 -7.00 4.89
CA GLY A 56 -0.74 -7.80 3.70
C GLY A 56 0.62 -8.50 3.70
N VAL A 57 1.02 -9.00 2.54
CA VAL A 57 2.30 -9.70 2.42
C VAL A 57 3.27 -8.92 1.53
N SER A 58 4.54 -9.30 1.58
CA SER A 58 5.56 -8.63 0.78
C SER A 58 5.26 -8.77 -0.72
N GLN A 59 4.40 -9.72 -1.05
CA GLN A 59 4.03 -9.95 -2.44
C GLN A 59 2.70 -9.26 -2.78
N GLY A 60 2.23 -8.42 -1.86
CA GLY A 60 0.98 -7.71 -2.07
C GLY A 60 -0.18 -8.37 -1.36
N GLY A 61 -1.28 -8.57 -2.08
CA GLY A 61 -2.46 -9.19 -1.50
C GLY A 61 -2.91 -8.49 -0.24
N ALA A 62 -2.85 -7.16 -0.24
CA ALA A 62 -3.27 -6.37 0.91
C ALA A 62 -4.71 -6.65 1.29
N ARG A 63 -4.93 -7.02 2.55
CA ARG A 63 -6.27 -7.33 3.04
C ARG A 63 -6.51 -6.69 4.40
N CYS A 64 -7.76 -6.36 4.67
CA CYS A 64 -8.14 -5.74 5.94
C CYS A 64 -7.89 -6.69 7.11
N ASP A 1 11.09 5.46 0.91
CA ASP A 1 9.89 6.28 1.03
C ASP A 1 8.65 5.40 1.19
N THR A 2 8.87 4.11 1.44
CA THR A 2 7.77 3.17 1.61
C THR A 2 6.89 3.57 2.78
N CYS A 3 7.47 4.26 3.75
CA CYS A 3 6.74 4.69 4.94
C CYS A 3 7.56 5.68 5.75
N GLY A 4 8.47 6.37 5.08
CA GLY A 4 9.30 7.36 5.76
C GLY A 4 10.12 6.74 6.87
N GLY A 5 10.26 5.42 6.85
CA GLY A 5 11.02 4.73 7.88
C GLY A 5 10.17 3.78 8.69
N GLY A 6 10.60 2.52 8.75
CA GLY A 6 9.86 1.52 9.50
C GLY A 6 8.68 0.97 8.72
N TYR A 7 8.76 1.04 7.39
CA TYR A 7 7.69 0.54 6.54
C TYR A 7 7.53 -0.96 6.68
N GLY A 8 6.30 -1.44 6.51
CA GLY A 8 6.03 -2.87 6.62
C GLY A 8 6.33 -3.62 5.34
N VAL A 9 5.97 -4.89 5.31
CA VAL A 9 6.21 -5.72 4.13
C VAL A 9 5.17 -5.46 3.05
N ASP A 10 3.94 -5.17 3.48
CA ASP A 10 2.85 -4.89 2.55
C ASP A 10 2.32 -3.47 2.75
N GLN A 11 3.15 -2.61 3.32
CA GLN A 11 2.77 -1.22 3.56
C GLN A 11 3.56 -0.28 2.66
N ARG A 12 2.87 0.70 2.08
CA ARG A 12 3.50 1.67 1.20
C ARG A 12 3.04 3.09 1.52
N ARG A 13 3.81 4.07 1.06
CA ARG A 13 3.48 5.47 1.31
C ARG A 13 2.65 6.05 0.17
N THR A 14 1.59 6.77 0.53
CA THR A 14 0.71 7.38 -0.46
C THR A 14 1.39 8.53 -1.18
N ASN A 15 1.04 8.72 -2.45
CA ASN A 15 1.63 9.78 -3.25
C ASN A 15 3.10 9.51 -3.54
N SER A 16 3.51 8.25 -3.39
CA SER A 16 4.88 7.85 -3.62
C SER A 16 5.00 7.03 -4.91
N PRO A 17 6.18 7.09 -5.54
CA PRO A 17 6.45 6.35 -6.78
C PRO A 17 6.53 4.85 -6.56
N CYS A 18 5.90 4.08 -7.45
CA CYS A 18 5.91 2.63 -7.35
C CYS A 18 6.56 1.99 -8.58
N GLN A 19 6.83 0.69 -8.49
CA GLN A 19 7.44 -0.02 -9.60
C GLN A 19 6.41 -0.42 -10.63
N ALA A 20 6.88 -0.83 -11.81
CA ALA A 20 6.00 -1.25 -12.89
C ALA A 20 5.23 -2.51 -12.51
N SER A 21 5.92 -3.46 -11.90
CA SER A 21 5.31 -4.72 -11.50
C SER A 21 4.34 -4.51 -10.34
N ASN A 22 4.56 -3.44 -9.58
CA ASN A 22 3.70 -3.12 -8.45
C ASN A 22 2.28 -2.82 -8.91
N GLY A 23 2.15 -2.48 -10.19
CA GLY A 23 0.83 -2.17 -10.73
C GLY A 23 -0.11 -3.34 -10.67
N ASP A 24 0.43 -4.53 -10.44
CA ASP A 24 -0.38 -5.74 -10.36
C ASP A 24 -0.39 -6.29 -8.93
N ARG A 25 -0.28 -5.39 -7.96
CA ARG A 25 -0.27 -5.79 -6.56
C ARG A 25 -0.96 -4.73 -5.69
N HIS A 26 -1.51 -5.17 -4.56
CA HIS A 26 -2.19 -4.26 -3.64
C HIS A 26 -1.44 -4.15 -2.32
N PHE A 27 -1.43 -2.95 -1.77
CA PHE A 27 -0.74 -2.70 -0.51
C PHE A 27 -1.64 -1.93 0.46
N CYS A 28 -1.41 -2.13 1.76
CA CYS A 28 -2.20 -1.46 2.78
C CYS A 28 -1.43 -0.29 3.38
N GLY A 29 -2.06 0.89 3.36
CA GLY A 29 -1.41 2.07 3.90
C GLY A 29 -0.75 1.82 5.25
N CYS A 30 0.23 2.65 5.59
CA CYS A 30 0.96 2.50 6.85
C CYS A 30 0.00 2.58 8.03
N ASP A 31 -1.12 3.26 7.84
CA ASP A 31 -2.12 3.41 8.89
C ASP A 31 -3.00 2.17 8.98
N ARG A 32 -2.86 1.27 8.00
CA ARG A 32 -3.64 0.05 7.98
C ARG A 32 -5.13 0.35 7.97
N THR A 33 -5.49 1.59 7.60
CA THR A 33 -6.88 2.00 7.55
C THR A 33 -7.37 2.06 6.11
N GLY A 34 -6.45 2.04 5.16
CA GLY A 34 -6.82 2.09 3.76
C GLY A 34 -5.88 1.29 2.89
N ILE A 35 -6.34 0.95 1.68
CA ILE A 35 -5.53 0.19 0.74
C ILE A 35 -5.20 1.02 -0.50
N VAL A 36 -3.92 1.01 -0.88
CA VAL A 36 -3.47 1.75 -2.05
C VAL A 36 -2.84 0.82 -3.08
N GLU A 37 -3.06 1.12 -4.36
CA GLU A 37 -2.50 0.31 -5.44
C GLU A 37 -1.62 1.16 -6.35
N CYS A 38 -0.60 0.53 -6.93
CA CYS A 38 0.31 1.23 -7.83
C CYS A 38 -0.40 1.63 -9.12
N LYS A 39 -0.79 2.90 -9.21
CA LYS A 39 -1.47 3.41 -10.39
C LYS A 39 -0.80 4.68 -10.90
N GLY A 40 -0.67 4.78 -12.22
CA GLY A 40 -0.04 5.95 -12.82
C GLY A 40 1.38 6.16 -12.32
N GLY A 41 1.98 5.11 -11.78
CA GLY A 41 3.33 5.20 -11.27
C GLY A 41 3.39 5.74 -9.85
N LYS A 42 2.22 5.94 -9.26
CA LYS A 42 2.13 6.47 -7.90
C LYS A 42 1.10 5.69 -7.08
N TRP A 43 1.38 5.48 -5.81
CA TRP A 43 0.47 4.76 -4.93
C TRP A 43 -0.78 5.59 -4.65
N THR A 44 -1.93 5.07 -5.07
CA THR A 44 -3.20 5.75 -4.87
C THR A 44 -4.20 4.86 -4.14
N GLU A 45 -4.89 5.43 -3.17
CA GLU A 45 -5.89 4.68 -2.40
C GLU A 45 -7.02 4.20 -3.30
N ILE A 46 -7.34 2.91 -3.21
CA ILE A 46 -8.39 2.32 -4.01
C ILE A 46 -9.46 1.69 -3.12
N GLN A 47 -9.13 1.48 -1.85
CA GLN A 47 -10.06 0.89 -0.91
C GLN A 47 -9.87 1.47 0.49
N ASP A 48 -10.94 1.47 1.28
CA ASP A 48 -10.89 2.00 2.63
C ASP A 48 -11.27 0.94 3.65
N CYS A 49 -10.32 0.53 4.47
CA CYS A 49 -10.56 -0.48 5.49
C CYS A 49 -11.34 0.10 6.67
N GLY A 50 -11.22 1.41 6.86
CA GLY A 50 -11.91 2.06 7.94
C GLY A 50 -11.13 2.01 9.25
N GLY A 51 -10.66 0.83 9.61
CA GLY A 51 -9.90 0.67 10.84
C GLY A 51 -8.45 0.26 10.58
N ALA A 52 -7.57 0.66 11.47
CA ALA A 52 -6.15 0.33 11.35
C ALA A 52 -5.89 -1.14 11.68
N SER A 53 -6.29 -2.03 10.77
CA SER A 53 -6.11 -3.45 10.96
C SER A 53 -5.77 -4.15 9.65
N CYS A 54 -5.54 -3.36 8.61
CA CYS A 54 -5.22 -3.89 7.30
C CYS A 54 -3.78 -4.39 7.26
N ARG A 55 -3.61 -5.66 6.89
CA ARG A 55 -2.29 -6.26 6.81
C ARG A 55 -2.16 -7.15 5.57
N GLY A 56 -1.02 -7.07 4.91
CA GLY A 56 -0.80 -7.87 3.71
C GLY A 56 0.55 -8.56 3.72
N VAL A 57 0.97 -9.06 2.56
CA VAL A 57 2.25 -9.74 2.44
C VAL A 57 3.21 -8.96 1.54
N SER A 58 4.48 -9.35 1.57
CA SER A 58 5.49 -8.69 0.77
C SER A 58 5.19 -8.82 -0.72
N GLN A 59 4.31 -9.77 -1.05
CA GLN A 59 3.94 -10.00 -2.44
C GLN A 59 2.64 -9.26 -2.79
N GLY A 60 2.16 -8.45 -1.86
CA GLY A 60 0.95 -7.70 -2.08
C GLY A 60 -0.27 -8.37 -1.46
N GLY A 61 -1.33 -8.50 -2.25
CA GLY A 61 -2.54 -9.12 -1.76
C GLY A 61 -3.04 -8.49 -0.47
N ALA A 62 -2.91 -7.18 -0.37
CA ALA A 62 -3.34 -6.46 0.82
C ALA A 62 -4.77 -6.84 1.20
N ARG A 63 -4.98 -7.18 2.47
CA ARG A 63 -6.29 -7.56 2.96
C ARG A 63 -6.59 -6.91 4.31
N CYS A 64 -7.86 -6.60 4.54
CA CYS A 64 -8.27 -5.96 5.79
C CYS A 64 -8.15 -6.93 6.95
N ASP A 1 11.14 5.40 0.70
CA ASP A 1 9.96 6.25 0.90
C ASP A 1 8.70 5.41 1.11
N THR A 2 8.91 4.10 1.31
CA THR A 2 7.80 3.19 1.52
C THR A 2 6.93 3.64 2.70
N CYS A 3 7.54 4.36 3.63
CA CYS A 3 6.83 4.85 4.81
C CYS A 3 7.69 5.85 5.58
N GLY A 4 8.60 6.50 4.88
CA GLY A 4 9.47 7.48 5.52
C GLY A 4 10.28 6.88 6.65
N GLY A 5 10.38 5.56 6.66
CA GLY A 5 11.13 4.89 7.71
C GLY A 5 10.26 3.98 8.57
N GLY A 6 10.65 2.71 8.67
CA GLY A 6 9.89 1.77 9.46
C GLY A 6 8.71 1.20 8.69
N TYR A 7 8.80 1.22 7.36
CA TYR A 7 7.73 0.71 6.52
C TYR A 7 7.57 -0.80 6.70
N GLY A 8 6.33 -1.28 6.51
CA GLY A 8 6.07 -2.70 6.65
C GLY A 8 6.39 -3.49 5.39
N VAL A 9 6.03 -4.76 5.39
CA VAL A 9 6.28 -5.62 4.24
C VAL A 9 5.25 -5.38 3.13
N ASP A 10 4.02 -5.10 3.54
CA ASP A 10 2.94 -4.84 2.59
C ASP A 10 2.40 -3.42 2.74
N GLN A 11 3.21 -2.55 3.33
CA GLN A 11 2.80 -1.16 3.54
C GLN A 11 3.59 -0.22 2.63
N ARG A 12 2.89 0.73 2.03
CA ARG A 12 3.52 1.69 1.14
C ARG A 12 3.08 3.12 1.47
N ARG A 13 3.85 4.09 1.00
CA ARG A 13 3.53 5.50 1.26
C ARG A 13 2.68 6.08 0.13
N THR A 14 1.62 6.80 0.52
CA THR A 14 0.72 7.40 -0.45
C THR A 14 1.39 8.56 -1.18
N ASN A 15 1.04 8.75 -2.44
CA ASN A 15 1.61 9.82 -3.24
C ASN A 15 3.08 9.57 -3.55
N SER A 16 3.49 8.30 -3.41
CA SER A 16 4.87 7.92 -3.67
C SER A 16 4.98 7.11 -4.96
N PRO A 17 6.15 7.18 -5.60
CA PRO A 17 6.42 6.46 -6.85
C PRO A 17 6.51 4.95 -6.64
N CYS A 18 5.90 4.19 -7.53
CA CYS A 18 5.91 2.73 -7.44
C CYS A 18 6.55 2.12 -8.69
N GLN A 19 6.81 0.82 -8.63
CA GLN A 19 7.42 0.11 -9.75
C GLN A 19 6.36 -0.28 -10.78
N ALA A 20 6.82 -0.68 -11.96
CA ALA A 20 5.91 -1.08 -13.03
C ALA A 20 5.15 -2.35 -12.66
N SER A 21 5.85 -3.29 -12.01
CA SER A 21 5.24 -4.54 -11.61
C SER A 21 4.26 -4.33 -10.46
N ASN A 22 4.49 -3.27 -9.69
CA ASN A 22 3.63 -2.95 -8.55
C ASN A 22 2.20 -2.63 -9.03
N GLY A 23 2.07 -2.29 -10.30
CA GLY A 23 0.78 -1.95 -10.85
C GLY A 23 -0.18 -3.12 -10.80
N ASP A 24 0.34 -4.32 -10.56
CA ASP A 24 -0.47 -5.52 -10.48
C ASP A 24 -0.47 -6.10 -9.07
N ARG A 25 -0.35 -5.22 -8.08
CA ARG A 25 -0.32 -5.65 -6.68
C ARG A 25 -1.00 -4.62 -5.80
N HIS A 26 -1.47 -5.07 -4.63
CA HIS A 26 -2.15 -4.20 -3.69
C HIS A 26 -1.36 -4.09 -2.38
N PHE A 27 -1.37 -2.90 -1.79
CA PHE A 27 -0.66 -2.67 -0.53
C PHE A 27 -1.53 -1.89 0.45
N CYS A 28 -1.38 -2.20 1.73
CA CYS A 28 -2.15 -1.53 2.77
C CYS A 28 -1.37 -0.36 3.35
N GLY A 29 -1.96 0.84 3.27
CA GLY A 29 -1.31 2.02 3.77
C GLY A 29 -0.68 1.80 5.14
N CYS A 30 0.32 2.61 5.47
CA CYS A 30 1.01 2.49 6.75
C CYS A 30 0.03 2.65 7.91
N ASP A 31 -1.11 3.28 7.64
CA ASP A 31 -2.13 3.49 8.66
C ASP A 31 -2.98 2.24 8.83
N ARG A 32 -2.82 1.28 7.92
CA ARG A 32 -3.59 0.04 7.99
C ARG A 32 -5.09 0.33 7.98
N THR A 33 -5.46 1.52 7.55
CA THR A 33 -6.86 1.92 7.50
C THR A 33 -7.37 1.96 6.06
N GLY A 34 -6.44 1.99 5.11
CA GLY A 34 -6.81 2.03 3.71
C GLY A 34 -5.83 1.30 2.82
N ILE A 35 -6.30 0.86 1.66
CA ILE A 35 -5.44 0.15 0.71
C ILE A 35 -5.14 0.99 -0.52
N VAL A 36 -3.86 1.02 -0.90
CA VAL A 36 -3.44 1.78 -2.07
C VAL A 36 -2.79 0.88 -3.12
N GLU A 37 -3.03 1.21 -4.38
CA GLU A 37 -2.47 0.42 -5.48
C GLU A 37 -1.61 1.30 -6.39
N CYS A 38 -0.60 0.69 -7.00
CA CYS A 38 0.30 1.41 -7.89
C CYS A 38 -0.43 1.86 -9.16
N LYS A 39 -0.82 3.13 -9.20
CA LYS A 39 -1.53 3.67 -10.35
C LYS A 39 -0.83 4.93 -10.86
N GLY A 40 -0.77 5.06 -12.19
CA GLY A 40 -0.13 6.21 -12.79
C GLY A 40 1.32 6.38 -12.34
N GLY A 41 1.90 5.30 -11.84
CA GLY A 41 3.28 5.35 -11.38
C GLY A 41 3.39 5.81 -9.94
N LYS A 42 2.24 6.02 -9.29
CA LYS A 42 2.22 6.47 -7.90
C LYS A 42 1.18 5.69 -7.10
N TRP A 43 1.46 5.49 -5.82
CA TRP A 43 0.54 4.76 -4.95
C TRP A 43 -0.72 5.59 -4.67
N THR A 44 -1.86 5.07 -5.09
CA THR A 44 -3.13 5.76 -4.89
C THR A 44 -4.13 4.86 -4.18
N GLU A 45 -4.86 5.44 -3.23
CA GLU A 45 -5.87 4.69 -2.48
C GLU A 45 -6.96 4.17 -3.40
N ILE A 46 -7.23 2.86 -3.32
CA ILE A 46 -8.26 2.24 -4.14
C ILE A 46 -9.32 1.57 -3.27
N GLN A 47 -9.01 1.39 -2.00
CA GLN A 47 -9.94 0.76 -1.07
C GLN A 47 -9.78 1.33 0.34
N ASP A 48 -10.85 1.29 1.12
CA ASP A 48 -10.83 1.80 2.48
C ASP A 48 -11.20 0.71 3.48
N CYS A 49 -10.26 0.38 4.36
CA CYS A 49 -10.48 -0.65 5.37
C CYS A 49 -11.29 -0.10 6.53
N GLY A 50 -11.24 1.22 6.72
CA GLY A 50 -11.98 1.84 7.80
C GLY A 50 -11.22 1.82 9.11
N GLY A 51 -10.74 0.64 9.50
CA GLY A 51 -10.00 0.51 10.74
C GLY A 51 -8.53 0.20 10.51
N ALA A 52 -7.69 0.65 11.43
CA ALA A 52 -6.25 0.41 11.32
C ALA A 52 -5.90 -1.02 11.68
N SER A 53 -6.23 -1.96 10.79
CA SER A 53 -5.96 -3.37 11.01
C SER A 53 -5.64 -4.07 9.71
N CYS A 54 -5.43 -3.28 8.65
CA CYS A 54 -5.11 -3.83 7.33
C CYS A 54 -3.68 -4.33 7.28
N ARG A 55 -3.49 -5.60 6.93
CA ARG A 55 -2.17 -6.19 6.84
C ARG A 55 -2.05 -7.08 5.61
N GLY A 56 -0.90 -7.02 4.95
CA GLY A 56 -0.68 -7.82 3.76
C GLY A 56 0.66 -8.52 3.76
N VAL A 57 1.08 -9.02 2.61
CA VAL A 57 2.35 -9.71 2.49
C VAL A 57 3.33 -8.93 1.62
N SER A 58 4.60 -9.32 1.67
CA SER A 58 5.63 -8.65 0.89
C SER A 58 5.34 -8.78 -0.61
N GLN A 59 4.48 -9.71 -0.96
CA GLN A 59 4.12 -9.94 -2.36
C GLN A 59 2.80 -9.26 -2.69
N GLY A 60 2.32 -8.40 -1.78
CA GLY A 60 1.07 -7.71 -2.00
C GLY A 60 -0.09 -8.36 -1.28
N GLY A 61 -1.18 -8.60 -2.01
CA GLY A 61 -2.35 -9.22 -1.41
C GLY A 61 -2.81 -8.51 -0.16
N ALA A 62 -2.79 -7.18 -0.19
CA ALA A 62 -3.21 -6.38 0.96
C ALA A 62 -4.65 -6.68 1.34
N ARG A 63 -4.87 -7.04 2.60
CA ARG A 63 -6.20 -7.36 3.08
C ARG A 63 -6.45 -6.71 4.45
N CYS A 64 -7.72 -6.40 4.73
CA CYS A 64 -8.09 -5.78 5.99
C CYS A 64 -7.85 -6.74 7.16
N ASP A 1 10.94 5.47 0.49
CA ASP A 1 9.71 6.23 0.38
C ASP A 1 8.50 5.33 0.62
N THR A 2 8.74 4.15 1.18
CA THR A 2 7.67 3.20 1.46
C THR A 2 6.86 3.63 2.67
N CYS A 3 7.49 4.39 3.56
CA CYS A 3 6.82 4.86 4.77
C CYS A 3 7.69 5.84 5.52
N GLY A 4 8.60 6.50 4.81
CA GLY A 4 9.49 7.46 5.43
C GLY A 4 10.34 6.84 6.52
N GLY A 5 10.43 5.51 6.53
CA GLY A 5 11.22 4.83 7.54
C GLY A 5 10.36 3.93 8.41
N GLY A 6 10.74 2.66 8.50
CA GLY A 6 9.99 1.71 9.31
C GLY A 6 8.78 1.15 8.59
N TYR A 7 8.83 1.17 7.26
CA TYR A 7 7.73 0.67 6.45
C TYR A 7 7.56 -0.84 6.63
N GLY A 8 6.33 -1.32 6.49
CA GLY A 8 6.07 -2.74 6.65
C GLY A 8 6.36 -3.52 5.38
N VAL A 9 6.01 -4.80 5.39
CA VAL A 9 6.23 -5.66 4.23
C VAL A 9 5.18 -5.42 3.15
N ASP A 10 3.96 -5.13 3.58
CA ASP A 10 2.87 -4.87 2.64
C ASP A 10 2.34 -3.46 2.80
N GLN A 11 3.15 -2.58 3.37
CA GLN A 11 2.77 -1.19 3.59
C GLN A 11 3.53 -0.26 2.66
N ARG A 12 2.83 0.70 2.07
CA ARG A 12 3.44 1.64 1.15
C ARG A 12 3.05 3.08 1.51
N ARG A 13 3.82 4.04 1.01
CA ARG A 13 3.55 5.45 1.27
C ARG A 13 2.64 6.04 0.20
N THR A 14 1.63 6.78 0.63
CA THR A 14 0.69 7.40 -0.30
C THR A 14 1.34 8.56 -1.06
N ASN A 15 0.92 8.74 -2.30
CA ASN A 15 1.46 9.81 -3.14
C ASN A 15 2.94 9.57 -3.42
N SER A 16 3.38 8.32 -3.30
CA SER A 16 4.76 7.96 -3.54
C SER A 16 4.90 7.17 -4.84
N PRO A 17 6.08 7.27 -5.47
CA PRO A 17 6.37 6.57 -6.73
C PRO A 17 6.48 5.06 -6.55
N CYS A 18 5.88 4.32 -7.47
CA CYS A 18 5.91 2.87 -7.42
C CYS A 18 6.51 2.29 -8.69
N GLN A 19 6.79 0.98 -8.66
CA GLN A 19 7.36 0.30 -9.82
C GLN A 19 6.28 -0.07 -10.83
N ALA A 20 6.71 -0.43 -12.03
CA ALA A 20 5.78 -0.82 -13.09
C ALA A 20 5.05 -2.11 -12.73
N SER A 21 5.79 -3.06 -12.15
CA SER A 21 5.21 -4.35 -11.76
C SER A 21 4.26 -4.17 -10.58
N ASN A 22 4.49 -3.13 -9.79
CA ASN A 22 3.66 -2.87 -8.62
C ASN A 22 2.23 -2.51 -9.04
N GLY A 23 2.08 -2.11 -10.30
CA GLY A 23 0.77 -1.75 -10.80
C GLY A 23 -0.21 -2.91 -10.77
N ASP A 24 0.31 -4.12 -10.59
CA ASP A 24 -0.53 -5.31 -10.54
C ASP A 24 -0.52 -5.92 -9.14
N ARG A 25 -0.45 -5.06 -8.13
CA ARG A 25 -0.43 -5.51 -6.75
C ARG A 25 -1.15 -4.52 -5.84
N HIS A 26 -1.47 -4.95 -4.63
CA HIS A 26 -2.17 -4.10 -3.67
C HIS A 26 -1.40 -4.02 -2.35
N PHE A 27 -1.40 -2.85 -1.74
CA PHE A 27 -0.70 -2.64 -0.47
C PHE A 27 -1.57 -1.85 0.51
N CYS A 28 -1.45 -2.19 1.79
CA CYS A 28 -2.22 -1.52 2.83
C CYS A 28 -1.45 -0.33 3.39
N GLY A 29 -2.05 0.86 3.31
CA GLY A 29 -1.40 2.05 3.83
C GLY A 29 -0.76 1.84 5.18
N CYS A 30 0.23 2.66 5.51
CA CYS A 30 0.94 2.55 6.78
C CYS A 30 -0.03 2.70 7.94
N ASP A 31 -1.19 3.31 7.68
CA ASP A 31 -2.19 3.51 8.71
C ASP A 31 -3.04 2.25 8.90
N ARG A 32 -2.88 1.30 7.99
CA ARG A 32 -3.64 0.06 8.04
C ARG A 32 -5.14 0.33 8.05
N THR A 33 -5.52 1.52 7.61
CA THR A 33 -6.93 1.91 7.57
C THR A 33 -7.44 1.95 6.13
N GLY A 34 -6.51 2.00 5.18
CA GLY A 34 -6.89 2.04 3.78
C GLY A 34 -5.90 1.30 2.89
N ILE A 35 -6.37 0.88 1.72
CA ILE A 35 -5.53 0.15 0.78
C ILE A 35 -5.20 1.01 -0.44
N VAL A 36 -3.93 1.04 -0.82
CA VAL A 36 -3.50 1.82 -1.97
C VAL A 36 -2.84 0.93 -3.02
N GLU A 37 -3.08 1.25 -4.29
CA GLU A 37 -2.50 0.48 -5.38
C GLU A 37 -1.65 1.37 -6.30
N CYS A 38 -0.63 0.77 -6.89
CA CYS A 38 0.26 1.51 -7.78
C CYS A 38 -0.46 1.94 -9.05
N LYS A 39 -0.88 3.21 -9.09
CA LYS A 39 -1.58 3.75 -10.24
C LYS A 39 -0.88 4.99 -10.77
N GLY A 40 -0.80 5.10 -12.10
CA GLY A 40 -0.14 6.24 -12.71
C GLY A 40 1.29 6.42 -12.25
N GLY A 41 1.87 5.34 -11.73
CA GLY A 41 3.24 5.40 -11.25
C GLY A 41 3.33 5.87 -9.81
N LYS A 42 2.19 6.07 -9.19
CA LYS A 42 2.15 6.52 -7.80
C LYS A 42 1.11 5.73 -7.00
N TRP A 43 1.38 5.55 -5.72
CA TRP A 43 0.47 4.80 -4.84
C TRP A 43 -0.78 5.63 -4.54
N THR A 44 -1.94 5.13 -4.96
CA THR A 44 -3.20 5.82 -4.73
C THR A 44 -4.20 4.91 -4.04
N GLU A 45 -4.95 5.47 -3.09
CA GLU A 45 -5.94 4.71 -2.35
C GLU A 45 -7.03 4.20 -3.28
N ILE A 46 -7.29 2.90 -3.22
CA ILE A 46 -8.31 2.28 -4.05
C ILE A 46 -9.38 1.59 -3.21
N GLN A 47 -9.08 1.43 -1.92
CA GLN A 47 -10.01 0.78 -1.00
C GLN A 47 -9.85 1.34 0.41
N ASP A 48 -10.93 1.30 1.18
CA ASP A 48 -10.93 1.81 2.55
C ASP A 48 -11.28 0.70 3.54
N CYS A 49 -10.35 0.38 4.42
CA CYS A 49 -10.56 -0.66 5.42
C CYS A 49 -11.38 -0.13 6.59
N GLY A 50 -11.34 1.18 6.79
CA GLY A 50 -12.09 1.80 7.87
C GLY A 50 -11.33 1.78 9.18
N GLY A 51 -10.83 0.60 9.56
CA GLY A 51 -10.08 0.49 10.80
C GLY A 51 -8.62 0.20 10.56
N ALA A 52 -7.77 0.65 11.49
CA ALA A 52 -6.33 0.44 11.37
C ALA A 52 -5.96 -1.00 11.73
N SER A 53 -6.29 -1.93 10.86
CA SER A 53 -6.00 -3.34 11.08
C SER A 53 -5.69 -4.05 9.77
N CYS A 54 -5.49 -3.27 8.71
CA CYS A 54 -5.18 -3.82 7.40
C CYS A 54 -3.74 -4.31 7.35
N ARG A 55 -3.56 -5.59 7.01
CA ARG A 55 -2.24 -6.19 6.91
C ARG A 55 -2.13 -7.09 5.69
N GLY A 56 -0.99 -7.04 5.01
CA GLY A 56 -0.78 -7.85 3.83
C GLY A 56 0.57 -8.54 3.84
N VAL A 57 0.98 -9.05 2.69
CA VAL A 57 2.25 -9.75 2.55
C VAL A 57 3.22 -8.97 1.67
N SER A 58 4.48 -9.36 1.69
CA SER A 58 5.50 -8.70 0.88
C SER A 58 5.20 -8.82 -0.61
N GLN A 59 4.31 -9.75 -0.94
CA GLN A 59 3.92 -9.97 -2.33
C GLN A 59 2.61 -9.24 -2.65
N GLY A 60 2.18 -8.38 -1.74
CA GLY A 60 0.95 -7.63 -1.94
C GLY A 60 -0.24 -8.28 -1.27
N GLY A 61 -1.30 -8.50 -2.04
CA GLY A 61 -2.50 -9.11 -1.49
C GLY A 61 -2.97 -8.44 -0.22
N ALA A 62 -2.82 -7.12 -0.17
CA ALA A 62 -3.24 -6.35 1.00
C ALA A 62 -4.67 -6.68 1.38
N ARG A 63 -4.88 -7.02 2.65
CA ARG A 63 -6.21 -7.36 3.14
C ARG A 63 -6.46 -6.71 4.50
N CYS A 64 -7.73 -6.41 4.77
CA CYS A 64 -8.12 -5.78 6.03
C CYS A 64 -7.87 -6.73 7.21
N ASP A 1 10.95 5.40 0.55
CA ASP A 1 9.74 6.21 0.57
C ASP A 1 8.51 5.32 0.78
N THR A 2 8.75 4.09 1.23
CA THR A 2 7.66 3.15 1.48
C THR A 2 6.84 3.57 2.69
N CYS A 3 7.48 4.27 3.63
CA CYS A 3 6.80 4.73 4.84
C CYS A 3 7.68 5.72 5.61
N GLY A 4 8.58 6.38 4.89
CA GLY A 4 9.46 7.35 5.52
C GLY A 4 10.31 6.72 6.62
N GLY A 5 10.41 5.40 6.61
CA GLY A 5 11.19 4.71 7.62
C GLY A 5 10.34 3.78 8.47
N GLY A 6 10.74 2.52 8.54
CA GLY A 6 10.00 1.55 9.33
C GLY A 6 8.79 1.00 8.60
N TYR A 7 8.84 1.05 7.28
CA TYR A 7 7.74 0.57 6.45
C TYR A 7 7.57 -0.94 6.61
N GLY A 8 6.34 -1.42 6.44
CA GLY A 8 6.07 -2.85 6.57
C GLY A 8 6.36 -3.60 5.29
N VAL A 9 6.00 -4.88 5.26
CA VAL A 9 6.22 -5.72 4.10
C VAL A 9 5.16 -5.47 3.02
N ASP A 10 3.95 -5.18 3.46
CA ASP A 10 2.85 -4.91 2.55
C ASP A 10 2.32 -3.49 2.72
N GLN A 11 3.15 -2.62 3.29
CA GLN A 11 2.77 -1.23 3.52
C GLN A 11 3.53 -0.29 2.59
N ARG A 12 2.83 0.68 2.03
CA ARG A 12 3.44 1.64 1.12
C ARG A 12 3.01 3.06 1.46
N ARG A 13 3.78 4.04 0.97
CA ARG A 13 3.47 5.45 1.23
C ARG A 13 2.58 6.03 0.14
N THR A 14 1.58 6.80 0.55
CA THR A 14 0.66 7.41 -0.40
C THR A 14 1.33 8.53 -1.17
N ASN A 15 0.92 8.71 -2.42
CA ASN A 15 1.48 9.75 -3.28
C ASN A 15 2.95 9.50 -3.55
N SER A 16 3.37 8.24 -3.43
CA SER A 16 4.75 7.86 -3.66
C SER A 16 4.90 7.06 -4.96
N PRO A 17 6.09 7.16 -5.58
CA PRO A 17 6.37 6.47 -6.84
C PRO A 17 6.48 4.96 -6.65
N CYS A 18 5.88 4.20 -7.57
CA CYS A 18 5.91 2.75 -7.50
C CYS A 18 6.52 2.16 -8.78
N GLN A 19 6.80 0.87 -8.74
CA GLN A 19 7.39 0.18 -9.89
C GLN A 19 6.31 -0.22 -10.90
N ALA A 20 6.74 -0.59 -12.10
CA ALA A 20 5.82 -0.99 -13.15
C ALA A 20 5.07 -2.27 -12.76
N SER A 21 5.79 -3.21 -12.17
CA SER A 21 5.20 -4.48 -11.76
C SER A 21 4.25 -4.28 -10.58
N ASN A 22 4.50 -3.23 -9.80
CA ASN A 22 3.67 -2.92 -8.64
C ASN A 22 2.23 -2.64 -9.05
N GLY A 23 2.05 -2.32 -10.33
CA GLY A 23 0.71 -2.02 -10.82
C GLY A 23 -0.22 -3.23 -10.74
N ASP A 24 0.36 -4.40 -10.52
CA ASP A 24 -0.42 -5.63 -10.40
C ASP A 24 -0.37 -6.18 -8.98
N ARG A 25 -0.27 -5.28 -8.01
CA ARG A 25 -0.22 -5.67 -6.61
C ARG A 25 -0.91 -4.64 -5.72
N HIS A 26 -1.43 -5.09 -4.59
CA HIS A 26 -2.11 -4.21 -3.66
C HIS A 26 -1.36 -4.12 -2.34
N PHE A 27 -1.33 -2.92 -1.75
CA PHE A 27 -0.64 -2.70 -0.48
C PHE A 27 -1.51 -1.89 0.47
N CYS A 28 -1.42 -2.20 1.76
CA CYS A 28 -2.19 -1.51 2.78
C CYS A 28 -1.41 -0.32 3.35
N GLY A 29 -2.00 0.86 3.26
CA GLY A 29 -1.34 2.05 3.77
C GLY A 29 -0.71 1.83 5.13
N CYS A 30 0.29 2.65 5.45
CA CYS A 30 0.98 2.54 6.73
C CYS A 30 0.01 2.69 7.88
N ASP A 31 -1.13 3.33 7.62
CA ASP A 31 -2.15 3.53 8.64
C ASP A 31 -3.01 2.29 8.82
N ARG A 32 -2.85 1.32 7.92
CA ARG A 32 -3.60 0.08 7.98
C ARG A 32 -5.11 0.36 7.98
N THR A 33 -5.48 1.56 7.53
CA THR A 33 -6.88 1.96 7.48
C THR A 33 -7.39 1.98 6.05
N GLY A 34 -6.46 2.02 5.09
CA GLY A 34 -6.84 2.05 3.70
C GLY A 34 -5.86 1.30 2.81
N ILE A 35 -6.33 0.86 1.65
CA ILE A 35 -5.48 0.12 0.71
C ILE A 35 -5.16 0.96 -0.51
N VAL A 36 -3.88 1.00 -0.89
CA VAL A 36 -3.44 1.76 -2.04
C VAL A 36 -2.77 0.85 -3.07
N GLU A 37 -3.00 1.15 -4.35
CA GLU A 37 -2.42 0.37 -5.43
C GLU A 37 -1.58 1.25 -6.36
N CYS A 38 -0.57 0.65 -6.99
CA CYS A 38 0.31 1.38 -7.90
C CYS A 38 -0.45 1.81 -9.15
N LYS A 39 -0.85 3.08 -9.19
CA LYS A 39 -1.57 3.62 -10.33
C LYS A 39 -0.89 4.87 -10.86
N GLY A 40 -0.82 4.98 -12.19
CA GLY A 40 -0.19 6.13 -12.81
C GLY A 40 1.24 6.32 -12.36
N GLY A 41 1.85 5.26 -11.84
CA GLY A 41 3.22 5.32 -11.38
C GLY A 41 3.32 5.82 -9.94
N LYS A 42 2.18 6.02 -9.31
CA LYS A 42 2.15 6.49 -7.92
C LYS A 42 1.12 5.71 -7.11
N TRP A 43 1.41 5.50 -5.83
CA TRP A 43 0.51 4.77 -4.94
C TRP A 43 -0.74 5.59 -4.66
N THR A 44 -1.89 5.06 -5.07
CA THR A 44 -3.17 5.73 -4.86
C THR A 44 -4.16 4.82 -4.15
N GLU A 45 -4.91 5.39 -3.22
CA GLU A 45 -5.91 4.63 -2.47
C GLU A 45 -6.99 4.09 -3.39
N ILE A 46 -7.25 2.79 -3.30
CA ILE A 46 -8.27 2.16 -4.12
C ILE A 46 -9.34 1.49 -3.27
N GLN A 47 -9.05 1.34 -1.97
CA GLN A 47 -9.99 0.71 -1.05
C GLN A 47 -9.83 1.30 0.35
N ASP A 48 -10.91 1.28 1.12
CA ASP A 48 -10.90 1.80 2.48
C ASP A 48 -11.26 0.72 3.49
N CYS A 49 -10.30 0.38 4.36
CA CYS A 49 -10.52 -0.64 5.38
C CYS A 49 -11.33 -0.09 6.54
N GLY A 50 -11.29 1.24 6.72
CA GLY A 50 -12.02 1.85 7.80
C GLY A 50 -11.26 1.85 9.11
N GLY A 51 -10.78 0.68 9.50
CA GLY A 51 -10.03 0.55 10.74
C GLY A 51 -8.56 0.25 10.50
N ALA A 52 -7.72 0.70 11.42
CA ALA A 52 -6.28 0.48 11.31
C ALA A 52 -5.91 -0.96 11.67
N SER A 53 -6.25 -1.89 10.80
CA SER A 53 -5.97 -3.31 11.03
C SER A 53 -5.66 -4.02 9.72
N CYS A 54 -5.46 -3.25 8.65
CA CYS A 54 -5.16 -3.81 7.35
C CYS A 54 -3.72 -4.31 7.28
N ARG A 55 -3.56 -5.59 6.94
CA ARG A 55 -2.24 -6.20 6.85
C ARG A 55 -2.15 -7.10 5.62
N GLY A 56 -1.01 -7.05 4.93
CA GLY A 56 -0.81 -7.86 3.75
C GLY A 56 0.53 -8.56 3.75
N VAL A 57 0.93 -9.07 2.58
CA VAL A 57 2.20 -9.77 2.45
C VAL A 57 3.16 -8.99 1.54
N SER A 58 4.43 -9.38 1.57
CA SER A 58 5.44 -8.72 0.75
C SER A 58 5.11 -8.85 -0.74
N GLN A 59 4.23 -9.79 -1.07
CA GLN A 59 3.82 -10.00 -2.45
C GLN A 59 2.52 -9.27 -2.77
N GLY A 60 2.10 -8.40 -1.83
CA GLY A 60 0.88 -7.65 -2.04
C GLY A 60 -0.32 -8.29 -1.36
N GLY A 61 -1.39 -8.49 -2.12
CA GLY A 61 -2.59 -9.10 -1.57
C GLY A 61 -3.05 -8.42 -0.30
N ALA A 62 -2.89 -7.10 -0.23
CA ALA A 62 -3.29 -6.34 0.94
C ALA A 62 -4.73 -6.65 1.33
N ARG A 63 -4.94 -7.01 2.59
CA ARG A 63 -6.27 -7.34 3.09
C ARG A 63 -6.51 -6.71 4.45
N CYS A 64 -7.77 -6.41 4.75
CA CYS A 64 -8.14 -5.79 6.01
C CYS A 64 -7.91 -6.76 7.17
N ASP A 1 11.10 5.53 0.65
CA ASP A 1 9.93 6.37 0.89
C ASP A 1 8.69 5.51 1.09
N THR A 2 8.88 4.21 1.25
CA THR A 2 7.77 3.29 1.45
C THR A 2 6.93 3.70 2.65
N CYS A 3 7.54 4.42 3.58
CA CYS A 3 6.84 4.89 4.78
C CYS A 3 7.69 5.88 5.56
N GLY A 4 8.59 6.56 4.85
CA GLY A 4 9.46 7.53 5.50
C GLY A 4 10.30 6.91 6.60
N GLY A 5 10.41 5.60 6.58
CA GLY A 5 11.19 4.90 7.59
C GLY A 5 10.35 3.99 8.45
N GLY A 6 10.74 2.72 8.52
CA GLY A 6 9.99 1.75 9.31
C GLY A 6 8.81 1.18 8.57
N TYR A 7 8.87 1.22 7.24
CA TYR A 7 7.79 0.71 6.41
C TYR A 7 7.63 -0.80 6.58
N GLY A 8 6.40 -1.29 6.43
CA GLY A 8 6.14 -2.71 6.57
C GLY A 8 6.45 -3.48 5.30
N VAL A 9 6.10 -4.77 5.30
CA VAL A 9 6.34 -5.61 4.13
C VAL A 9 5.28 -5.38 3.06
N ASP A 10 4.06 -5.11 3.49
CA ASP A 10 2.96 -4.86 2.55
C ASP A 10 2.41 -3.45 2.73
N GLN A 11 3.23 -2.56 3.30
CA GLN A 11 2.82 -1.18 3.51
C GLN A 11 3.60 -0.23 2.59
N ARG A 12 2.89 0.73 2.02
CA ARG A 12 3.51 1.69 1.12
C ARG A 12 3.07 3.12 1.45
N ARG A 13 3.82 4.10 0.97
CA ARG A 13 3.50 5.50 1.23
C ARG A 13 2.65 6.07 0.09
N THR A 14 1.60 6.80 0.47
CA THR A 14 0.70 7.39 -0.51
C THR A 14 1.37 8.56 -1.23
N ASN A 15 1.02 8.74 -2.50
CA ASN A 15 1.58 9.82 -3.30
C ASN A 15 3.05 9.55 -3.61
N SER A 16 3.45 8.29 -3.48
CA SER A 16 4.84 7.90 -3.74
C SER A 16 4.94 7.08 -5.02
N PRO A 17 6.12 7.15 -5.67
CA PRO A 17 6.37 6.42 -6.91
C PRO A 17 6.47 4.92 -6.70
N CYS A 18 5.84 4.16 -7.60
CA CYS A 18 5.86 2.70 -7.51
C CYS A 18 6.49 2.09 -8.75
N GLN A 19 6.75 0.78 -8.69
CA GLN A 19 7.34 0.07 -9.81
C GLN A 19 6.28 -0.32 -10.84
N ALA A 20 6.73 -0.72 -12.02
CA ALA A 20 5.83 -1.12 -13.10
C ALA A 20 5.05 -2.38 -12.70
N SER A 21 5.75 -3.34 -12.12
CA SER A 21 5.13 -4.60 -11.71
C SER A 21 4.17 -4.36 -10.56
N ASN A 22 4.41 -3.31 -9.77
CA ASN A 22 3.56 -2.98 -8.64
C ASN A 22 2.14 -2.66 -9.09
N GLY A 23 2.00 -2.33 -10.38
CA GLY A 23 0.69 -2.01 -10.92
C GLY A 23 -0.28 -3.18 -10.83
N ASP A 24 0.26 -4.36 -10.60
CA ASP A 24 -0.57 -5.57 -10.49
C ASP A 24 -0.53 -6.13 -9.08
N ARG A 25 -0.38 -5.25 -8.10
CA ARG A 25 -0.33 -5.64 -6.70
C ARG A 25 -0.98 -4.59 -5.81
N HIS A 26 -1.48 -5.03 -4.65
CA HIS A 26 -2.12 -4.12 -3.70
C HIS A 26 -1.33 -4.03 -2.41
N PHE A 27 -1.36 -2.86 -1.77
CA PHE A 27 -0.65 -2.65 -0.52
C PHE A 27 -1.50 -1.86 0.47
N CYS A 28 -1.37 -2.19 1.74
CA CYS A 28 -2.13 -1.52 2.79
C CYS A 28 -1.33 -0.35 3.37
N GLY A 29 -1.92 0.85 3.30
CA GLY A 29 -1.25 2.02 3.82
C GLY A 29 -0.61 1.79 5.17
N CYS A 30 0.39 2.59 5.51
CA CYS A 30 1.08 2.46 6.79
C CYS A 30 0.11 2.59 7.95
N ASP A 31 -1.01 3.24 7.71
CA ASP A 31 -2.03 3.44 8.74
C ASP A 31 -2.90 2.19 8.88
N ARG A 32 -2.75 1.27 7.94
CA ARG A 32 -3.53 0.03 7.95
C ARG A 32 -5.03 0.33 7.96
N THR A 33 -5.38 1.55 7.55
CA THR A 33 -6.78 1.96 7.51
C THR A 33 -7.28 2.06 6.07
N GLY A 34 -6.36 2.03 5.12
CA GLY A 34 -6.72 2.11 3.72
C GLY A 34 -5.76 1.35 2.82
N ILE A 35 -6.26 0.92 1.67
CA ILE A 35 -5.43 0.18 0.72
C ILE A 35 -5.13 1.02 -0.52
N VAL A 36 -3.87 1.03 -0.92
CA VAL A 36 -3.44 1.80 -2.08
C VAL A 36 -2.81 0.89 -3.13
N GLU A 37 -3.05 1.20 -4.40
CA GLU A 37 -2.50 0.41 -5.50
C GLU A 37 -1.64 1.28 -6.42
N CYS A 38 -0.64 0.66 -7.04
CA CYS A 38 0.24 1.37 -7.95
C CYS A 38 -0.49 1.82 -9.20
N LYS A 39 -0.88 3.09 -9.25
CA LYS A 39 -1.59 3.64 -10.40
C LYS A 39 -0.89 4.89 -10.92
N GLY A 40 -0.83 5.02 -12.24
CA GLY A 40 -0.20 6.18 -12.84
C GLY A 40 1.25 6.34 -12.39
N GLY A 41 1.84 5.27 -11.89
CA GLY A 41 3.21 5.32 -11.43
C GLY A 41 3.33 5.80 -9.99
N LYS A 42 2.18 6.01 -9.35
CA LYS A 42 2.15 6.47 -7.97
C LYS A 42 1.11 5.69 -7.16
N TRP A 43 1.41 5.49 -5.88
CA TRP A 43 0.50 4.76 -5.00
C TRP A 43 -0.76 5.58 -4.72
N THR A 44 -1.90 5.06 -5.15
CA THR A 44 -3.17 5.74 -4.94
C THR A 44 -4.17 4.86 -4.20
N GLU A 45 -4.89 5.45 -3.25
CA GLU A 45 -5.87 4.71 -2.47
C GLU A 45 -7.00 4.18 -3.36
N ILE A 46 -7.27 2.89 -3.25
CA ILE A 46 -8.32 2.26 -4.05
C ILE A 46 -9.38 1.62 -3.16
N GLN A 47 -9.04 1.45 -1.89
CA GLN A 47 -9.97 0.85 -0.93
C GLN A 47 -9.77 1.43 0.47
N ASP A 48 -10.83 1.44 1.26
CA ASP A 48 -10.77 1.98 2.61
C ASP A 48 -11.16 0.90 3.63
N CYS A 49 -10.18 0.52 4.45
CA CYS A 49 -10.42 -0.50 5.47
C CYS A 49 -11.21 0.07 6.65
N GLY A 50 -11.12 1.39 6.83
CA GLY A 50 -11.83 2.04 7.91
C GLY A 50 -11.05 2.02 9.21
N GLY A 51 -10.55 0.84 9.58
CA GLY A 51 -9.80 0.71 10.81
C GLY A 51 -8.36 0.29 10.57
N ALA A 52 -7.46 0.70 11.46
CA ALA A 52 -6.05 0.38 11.34
C ALA A 52 -5.80 -1.09 11.67
N SER A 53 -6.17 -1.98 10.76
CA SER A 53 -5.98 -3.41 10.97
C SER A 53 -5.66 -4.11 9.65
N CYS A 54 -5.41 -3.32 8.61
CA CYS A 54 -5.09 -3.86 7.30
C CYS A 54 -3.65 -4.36 7.26
N ARG A 55 -3.48 -5.63 6.90
CA ARG A 55 -2.16 -6.23 6.83
C ARG A 55 -2.04 -7.12 5.60
N GLY A 56 -0.89 -7.07 4.93
CA GLY A 56 -0.67 -7.87 3.75
C GLY A 56 0.69 -8.55 3.75
N VAL A 57 1.10 -9.05 2.60
CA VAL A 57 2.38 -9.74 2.47
C VAL A 57 3.34 -8.94 1.59
N SER A 58 4.62 -9.34 1.62
CA SER A 58 5.64 -8.66 0.83
C SER A 58 5.33 -8.77 -0.66
N GLN A 59 4.46 -9.72 -1.00
CA GLN A 59 4.09 -9.94 -2.40
C GLN A 59 2.78 -9.22 -2.73
N GLY A 60 2.33 -8.37 -1.81
CA GLY A 60 1.10 -7.63 -2.02
C GLY A 60 -0.09 -8.31 -1.38
N GLY A 61 -1.15 -8.51 -2.16
CA GLY A 61 -2.35 -9.14 -1.65
C GLY A 61 -2.86 -8.49 -0.38
N ALA A 62 -2.71 -7.16 -0.29
CA ALA A 62 -3.16 -6.41 0.87
C ALA A 62 -4.60 -6.75 1.22
N ARG A 63 -4.83 -7.13 2.48
CA ARG A 63 -6.17 -7.47 2.94
C ARG A 63 -6.46 -6.85 4.30
N CYS A 64 -7.73 -6.56 4.55
CA CYS A 64 -8.13 -5.96 5.82
C CYS A 64 -8.01 -6.97 6.96
N ASP A 1 10.96 5.46 0.66
CA ASP A 1 9.75 6.26 0.69
C ASP A 1 8.52 5.39 0.91
N THR A 2 8.75 4.15 1.33
CA THR A 2 7.66 3.21 1.57
C THR A 2 6.82 3.64 2.77
N CYS A 3 7.46 4.34 3.71
CA CYS A 3 6.77 4.82 4.90
C CYS A 3 7.63 5.81 5.67
N GLY A 4 8.54 6.47 4.95
CA GLY A 4 9.42 7.44 5.58
C GLY A 4 10.24 6.83 6.70
N GLY A 5 10.35 5.51 6.71
CA GLY A 5 11.12 4.83 7.73
C GLY A 5 10.27 3.92 8.59
N GLY A 6 10.66 2.65 8.68
CA GLY A 6 9.92 1.69 9.47
C GLY A 6 8.71 1.13 8.72
N TYR A 7 8.78 1.18 7.39
CA TYR A 7 7.69 0.68 6.56
C TYR A 7 7.52 -0.84 6.73
N GLY A 8 6.29 -1.31 6.54
CA GLY A 8 6.02 -2.73 6.68
C GLY A 8 6.33 -3.50 5.41
N VAL A 9 5.97 -4.78 5.40
CA VAL A 9 6.21 -5.62 4.24
C VAL A 9 5.16 -5.39 3.16
N ASP A 10 3.93 -5.10 3.58
CA ASP A 10 2.84 -4.85 2.65
C ASP A 10 2.30 -3.43 2.81
N GLN A 11 3.13 -2.55 3.37
CA GLN A 11 2.74 -1.16 3.58
C GLN A 11 3.51 -0.24 2.66
N ARG A 12 2.81 0.74 2.09
CA ARG A 12 3.43 1.70 1.18
C ARG A 12 2.99 3.12 1.51
N ARG A 13 3.76 4.09 1.02
CA ARG A 13 3.45 5.50 1.27
C ARG A 13 2.59 6.07 0.15
N THR A 14 1.56 6.83 0.54
CA THR A 14 0.65 7.44 -0.42
C THR A 14 1.34 8.57 -1.19
N ASN A 15 0.97 8.74 -2.45
CA ASN A 15 1.54 9.79 -3.28
C ASN A 15 3.01 9.51 -3.56
N SER A 16 3.41 8.25 -3.42
CA SER A 16 4.79 7.86 -3.65
C SER A 16 4.93 7.06 -4.95
N PRO A 17 6.11 7.15 -5.57
CA PRO A 17 6.38 6.44 -6.83
C PRO A 17 6.50 4.93 -6.62
N CYS A 18 5.89 4.16 -7.53
CA CYS A 18 5.93 2.71 -7.45
C CYS A 18 6.55 2.11 -8.71
N GLN A 19 6.84 0.81 -8.65
CA GLN A 19 7.44 0.12 -9.80
C GLN A 19 6.38 -0.28 -10.81
N ALA A 20 6.83 -0.67 -12.00
CA ALA A 20 5.91 -1.08 -13.06
C ALA A 20 5.16 -2.35 -12.67
N SER A 21 5.88 -3.29 -12.06
CA SER A 21 5.28 -4.56 -11.66
C SER A 21 4.33 -4.36 -10.48
N ASN A 22 4.56 -3.30 -9.72
CA ASN A 22 3.73 -2.99 -8.55
C ASN A 22 2.29 -2.71 -8.99
N GLY A 23 2.11 -2.40 -10.26
CA GLY A 23 0.78 -2.12 -10.78
C GLY A 23 -0.14 -3.30 -10.68
N ASP A 24 0.43 -4.48 -10.44
CA ASP A 24 -0.36 -5.70 -10.32
C ASP A 24 -0.32 -6.23 -8.89
N ARG A 25 -0.21 -5.32 -7.92
CA ARG A 25 -0.15 -5.70 -6.53
C ARG A 25 -0.85 -4.66 -5.65
N HIS A 26 -1.37 -5.11 -4.51
CA HIS A 26 -2.07 -4.21 -3.59
C HIS A 26 -1.33 -4.11 -2.26
N PHE A 27 -1.32 -2.90 -1.70
CA PHE A 27 -0.63 -2.67 -0.42
C PHE A 27 -1.52 -1.86 0.52
N CYS A 28 -1.41 -2.16 1.81
CA CYS A 28 -2.20 -1.46 2.82
C CYS A 28 -1.43 -0.28 3.39
N GLY A 29 -2.02 0.91 3.32
CA GLY A 29 -1.37 2.09 3.84
C GLY A 29 -0.72 1.86 5.19
N CYS A 30 0.28 2.67 5.52
CA CYS A 30 0.99 2.53 6.79
C CYS A 30 0.02 2.68 7.96
N ASP A 31 -1.09 3.36 7.74
CA ASP A 31 -2.10 3.56 8.77
C ASP A 31 -2.99 2.32 8.91
N ARG A 32 -2.86 1.39 7.97
CA ARG A 32 -3.64 0.17 7.99
C ARG A 32 -5.14 0.49 7.97
N THR A 33 -5.47 1.71 7.57
CA THR A 33 -6.87 2.15 7.52
C THR A 33 -7.38 2.17 6.08
N GLY A 34 -6.45 2.15 5.13
CA GLY A 34 -6.82 2.17 3.73
C GLY A 34 -5.86 1.40 2.85
N ILE A 35 -6.34 0.96 1.69
CA ILE A 35 -5.51 0.20 0.77
C ILE A 35 -5.17 1.01 -0.47
N VAL A 36 -3.89 1.02 -0.83
CA VAL A 36 -3.44 1.77 -2.00
C VAL A 36 -2.76 0.84 -3.02
N GLU A 37 -2.97 1.14 -4.30
CA GLU A 37 -2.38 0.33 -5.37
C GLU A 37 -1.54 1.20 -6.31
N CYS A 38 -0.54 0.58 -6.92
CA CYS A 38 0.34 1.30 -7.84
C CYS A 38 -0.42 1.72 -9.09
N LYS A 39 -0.82 2.98 -9.15
CA LYS A 39 -1.54 3.52 -10.29
C LYS A 39 -0.88 4.79 -10.82
N GLY A 40 -0.82 4.91 -12.15
CA GLY A 40 -0.21 6.07 -12.75
C GLY A 40 1.23 6.28 -12.30
N GLY A 41 1.85 5.22 -11.80
CA GLY A 41 3.22 5.31 -11.34
C GLY A 41 3.32 5.82 -9.91
N LYS A 42 2.17 6.03 -9.28
CA LYS A 42 2.13 6.52 -7.90
C LYS A 42 1.10 5.75 -7.09
N TRP A 43 1.42 5.49 -5.83
CA TRP A 43 0.52 4.77 -4.94
C TRP A 43 -0.74 5.58 -4.67
N THR A 44 -1.89 5.05 -5.09
CA THR A 44 -3.16 5.72 -4.89
C THR A 44 -4.15 4.82 -4.16
N GLU A 45 -4.90 5.40 -3.23
CA GLU A 45 -5.89 4.65 -2.45
C GLU A 45 -6.99 4.12 -3.36
N ILE A 46 -7.31 2.83 -3.22
CA ILE A 46 -8.35 2.21 -4.02
C ILE A 46 -9.42 1.58 -3.13
N GLN A 47 -9.10 1.43 -1.85
CA GLN A 47 -10.05 0.85 -0.91
C GLN A 47 -9.87 1.46 0.49
N ASP A 48 -10.94 1.48 1.27
CA ASP A 48 -10.90 2.03 2.61
C ASP A 48 -11.27 0.97 3.65
N CYS A 49 -10.31 0.59 4.46
CA CYS A 49 -10.54 -0.42 5.49
C CYS A 49 -11.33 0.17 6.67
N GLY A 50 -11.24 1.48 6.84
CA GLY A 50 -11.95 2.15 7.91
C GLY A 50 -11.17 2.14 9.21
N GLY A 51 -10.67 0.96 9.60
CA GLY A 51 -9.92 0.84 10.82
C GLY A 51 -8.48 0.43 10.59
N ALA A 52 -7.58 0.87 11.47
CA ALA A 52 -6.17 0.54 11.34
C ALA A 52 -5.90 -0.92 11.71
N SER A 53 -6.28 -1.83 10.81
CA SER A 53 -6.08 -3.25 11.04
C SER A 53 -5.77 -3.97 9.74
N CYS A 54 -5.53 -3.20 8.68
CA CYS A 54 -5.20 -3.76 7.38
C CYS A 54 -3.77 -4.27 7.34
N ARG A 55 -3.61 -5.54 7.00
CA ARG A 55 -2.29 -6.15 6.93
C ARG A 55 -2.17 -7.05 5.70
N GLY A 56 -1.02 -7.01 5.04
CA GLY A 56 -0.80 -7.82 3.87
C GLY A 56 0.55 -8.52 3.88
N VAL A 57 0.96 -9.03 2.73
CA VAL A 57 2.24 -9.73 2.62
C VAL A 57 3.22 -8.95 1.74
N SER A 58 4.48 -9.35 1.80
CA SER A 58 5.53 -8.68 1.01
C SER A 58 5.24 -8.81 -0.49
N GLN A 59 4.37 -9.75 -0.84
CA GLN A 59 4.01 -9.98 -2.23
C GLN A 59 2.70 -9.27 -2.58
N GLY A 60 2.25 -8.40 -1.69
CA GLY A 60 1.02 -7.67 -1.91
C GLY A 60 -0.18 -8.35 -1.27
N GLY A 61 -1.24 -8.53 -2.05
CA GLY A 61 -2.45 -9.16 -1.53
C GLY A 61 -2.95 -8.51 -0.25
N ALA A 62 -2.81 -7.18 -0.18
CA ALA A 62 -3.26 -6.43 0.98
C ALA A 62 -4.69 -6.79 1.34
N ARG A 63 -4.91 -7.13 2.61
CA ARG A 63 -6.25 -7.49 3.09
C ARG A 63 -6.54 -6.83 4.43
N CYS A 64 -7.81 -6.51 4.65
CA CYS A 64 -8.23 -5.86 5.89
C CYS A 64 -8.10 -6.82 7.07
N ASP A 1 9.72 5.70 -1.82
CA ASP A 1 9.20 5.97 -0.49
C ASP A 1 8.12 4.96 -0.11
N THR A 2 8.50 3.92 0.63
CA THR A 2 7.56 2.88 1.04
C THR A 2 6.79 3.31 2.27
N CYS A 3 7.44 4.08 3.15
CA CYS A 3 6.81 4.56 4.37
C CYS A 3 7.69 5.58 5.08
N GLY A 4 8.60 6.19 4.32
CA GLY A 4 9.49 7.18 4.89
C GLY A 4 10.34 6.61 6.01
N GLY A 5 10.44 5.29 6.07
CA GLY A 5 11.23 4.65 7.10
C GLY A 5 10.39 3.73 7.97
N GLY A 6 10.83 2.47 8.10
CA GLY A 6 10.10 1.51 8.91
C GLY A 6 8.91 0.93 8.18
N TYR A 7 8.94 0.96 6.86
CA TYR A 7 7.85 0.43 6.05
C TYR A 7 7.70 -1.07 6.23
N GLY A 8 6.46 -1.54 6.22
CA GLY A 8 6.21 -2.96 6.39
C GLY A 8 6.44 -3.75 5.11
N VAL A 9 6.08 -5.03 5.13
CA VAL A 9 6.25 -5.89 3.97
C VAL A 9 5.16 -5.63 2.94
N ASP A 10 3.95 -5.33 3.41
CA ASP A 10 2.82 -5.06 2.53
C ASP A 10 2.29 -3.64 2.75
N GLN A 11 3.15 -2.77 3.28
CA GLN A 11 2.77 -1.39 3.53
C GLN A 11 3.44 -0.45 2.54
N ARG A 12 2.70 0.56 2.10
CA ARG A 12 3.22 1.53 1.15
C ARG A 12 2.86 2.96 1.56
N ARG A 13 3.58 3.93 1.01
CA ARG A 13 3.35 5.33 1.33
C ARG A 13 2.46 5.98 0.27
N THR A 14 1.49 6.77 0.73
CA THR A 14 0.57 7.46 -0.19
C THR A 14 1.29 8.58 -0.93
N ASN A 15 0.92 8.78 -2.20
CA ASN A 15 1.52 9.82 -3.01
C ASN A 15 3.00 9.55 -3.24
N SER A 16 3.40 8.29 -3.12
CA SER A 16 4.78 7.90 -3.30
C SER A 16 4.97 7.13 -4.60
N PRO A 17 6.18 7.20 -5.17
CA PRO A 17 6.51 6.52 -6.43
C PRO A 17 6.58 5.00 -6.26
N CYS A 18 6.02 4.29 -7.22
CA CYS A 18 6.02 2.82 -7.17
C CYS A 18 6.65 2.25 -8.45
N GLN A 19 6.93 0.95 -8.41
CA GLN A 19 7.54 0.26 -9.55
C GLN A 19 6.48 -0.11 -10.59
N ALA A 20 6.93 -0.47 -11.78
CA ALA A 20 6.03 -0.86 -12.86
C ALA A 20 5.28 -2.14 -12.52
N SER A 21 5.98 -3.08 -11.89
CA SER A 21 5.40 -4.36 -11.51
C SER A 21 4.41 -4.18 -10.36
N ASN A 22 4.62 -3.14 -9.57
CA ASN A 22 3.75 -2.86 -8.43
C ASN A 22 2.34 -2.54 -8.90
N GLY A 23 2.20 -2.16 -10.17
CA GLY A 23 0.91 -1.83 -10.72
C GLY A 23 -0.05 -3.02 -10.70
N ASP A 24 0.49 -4.21 -10.48
CA ASP A 24 -0.32 -5.42 -10.44
C ASP A 24 -0.33 -6.02 -9.03
N ARG A 25 -0.28 -5.15 -8.03
CA ARG A 25 -0.29 -5.60 -6.65
C ARG A 25 -1.02 -4.60 -5.75
N HIS A 26 -1.37 -5.03 -4.55
CA HIS A 26 -2.07 -4.17 -3.60
C HIS A 26 -1.35 -4.14 -2.25
N PHE A 27 -1.25 -2.95 -1.68
CA PHE A 27 -0.58 -2.78 -0.39
C PHE A 27 -1.44 -1.95 0.57
N CYS A 28 -1.40 -2.30 1.84
CA CYS A 28 -2.17 -1.58 2.85
C CYS A 28 -1.40 -0.37 3.37
N GLY A 29 -2.03 0.80 3.29
CA GLY A 29 -1.39 2.02 3.75
C GLY A 29 -0.71 1.84 5.09
N CYS A 30 0.27 2.71 5.37
CA CYS A 30 1.00 2.64 6.63
C CYS A 30 0.07 2.79 7.82
N ASP A 31 -1.09 3.38 7.58
CA ASP A 31 -2.08 3.59 8.63
C ASP A 31 -2.92 2.33 8.84
N ARG A 32 -2.78 1.38 7.93
CA ARG A 32 -3.54 0.12 8.01
C ARG A 32 -5.03 0.39 8.02
N THR A 33 -5.42 1.58 7.58
CA THR A 33 -6.82 1.97 7.54
C THR A 33 -7.35 1.98 6.11
N GLY A 34 -6.44 2.02 5.15
CA GLY A 34 -6.83 2.04 3.75
C GLY A 34 -5.85 1.29 2.87
N ILE A 35 -6.32 0.86 1.70
CA ILE A 35 -5.48 0.14 0.76
C ILE A 35 -5.14 0.98 -0.46
N VAL A 36 -3.87 1.03 -0.81
CA VAL A 36 -3.42 1.80 -1.97
C VAL A 36 -2.75 0.91 -3.01
N GLU A 37 -2.95 1.24 -4.28
CA GLU A 37 -2.37 0.46 -5.37
C GLU A 37 -1.51 1.36 -6.26
N CYS A 38 -0.48 0.75 -6.86
CA CYS A 38 0.42 1.49 -7.74
C CYS A 38 -0.30 1.94 -9.01
N LYS A 39 -0.68 3.21 -9.05
CA LYS A 39 -1.38 3.76 -10.20
C LYS A 39 -0.67 5.00 -10.72
N GLY A 40 -0.54 5.10 -12.05
CA GLY A 40 0.11 6.24 -12.65
C GLY A 40 1.52 6.44 -12.14
N GLY A 41 2.11 5.37 -11.60
CA GLY A 41 3.46 5.44 -11.07
C GLY A 41 3.51 5.95 -9.65
N LYS A 42 2.33 6.14 -9.05
CA LYS A 42 2.24 6.62 -7.68
C LYS A 42 1.20 5.83 -6.89
N TRP A 43 1.47 5.61 -5.61
CA TRP A 43 0.57 4.87 -4.75
C TRP A 43 -0.71 5.67 -4.48
N THR A 44 -1.84 5.15 -4.93
CA THR A 44 -3.13 5.81 -4.74
C THR A 44 -4.12 4.90 -4.04
N GLU A 45 -4.89 5.47 -3.11
CA GLU A 45 -5.88 4.70 -2.37
C GLU A 45 -6.96 4.15 -3.31
N ILE A 46 -7.21 2.85 -3.22
CA ILE A 46 -8.22 2.21 -4.05
C ILE A 46 -9.30 1.55 -3.20
N GLN A 47 -9.02 1.40 -1.91
CA GLN A 47 -9.97 0.79 -0.99
C GLN A 47 -9.82 1.35 0.42
N ASP A 48 -10.91 1.34 1.19
CA ASP A 48 -10.88 1.85 2.55
C ASP A 48 -11.23 0.74 3.54
N CYS A 49 -10.30 0.44 4.43
CA CYS A 49 -10.51 -0.60 5.44
C CYS A 49 -11.32 -0.06 6.61
N GLY A 50 -11.27 1.26 6.80
CA GLY A 50 -12.00 1.88 7.90
C GLY A 50 -11.22 1.87 9.20
N GLY A 51 -10.73 0.68 9.58
CA GLY A 51 -9.97 0.57 10.81
C GLY A 51 -8.50 0.30 10.56
N ALA A 52 -7.65 0.76 11.47
CA ALA A 52 -6.21 0.56 11.34
C ALA A 52 -5.82 -0.86 11.71
N SER A 53 -6.16 -1.81 10.86
CA SER A 53 -5.85 -3.22 11.10
C SER A 53 -5.57 -3.95 9.79
N CYS A 54 -5.39 -3.18 8.71
CA CYS A 54 -5.12 -3.76 7.40
C CYS A 54 -3.68 -4.27 7.32
N ARG A 55 -3.53 -5.55 7.00
CA ARG A 55 -2.21 -6.15 6.88
C ARG A 55 -2.15 -7.10 5.69
N GLY A 56 -1.02 -7.10 5.00
CA GLY A 56 -0.85 -7.96 3.84
C GLY A 56 0.48 -8.68 3.83
N VAL A 57 0.86 -9.22 2.68
CA VAL A 57 2.12 -9.93 2.55
C VAL A 57 3.09 -9.19 1.62
N SER A 58 4.35 -9.58 1.65
CA SER A 58 5.37 -8.95 0.82
C SER A 58 5.02 -9.10 -0.66
N GLN A 59 4.14 -10.04 -0.96
CA GLN A 59 3.73 -10.28 -2.34
C GLN A 59 2.46 -9.51 -2.67
N GLY A 60 2.06 -8.61 -1.76
CA GLY A 60 0.87 -7.82 -1.98
C GLY A 60 -0.36 -8.43 -1.32
N GLY A 61 -1.44 -8.54 -2.08
CA GLY A 61 -2.66 -9.12 -1.55
C GLY A 61 -3.10 -8.45 -0.26
N ALA A 62 -2.93 -7.14 -0.19
CA ALA A 62 -3.31 -6.38 1.00
C ALA A 62 -4.74 -6.68 1.41
N ARG A 63 -4.93 -7.02 2.68
CA ARG A 63 -6.25 -7.33 3.20
C ARG A 63 -6.48 -6.67 4.55
N CYS A 64 -7.73 -6.34 4.84
CA CYS A 64 -8.09 -5.71 6.10
C CYS A 64 -7.83 -6.64 7.28
N ASP A 1 11.14 5.46 0.58
CA ASP A 1 9.98 6.32 0.81
C ASP A 1 8.73 5.46 1.05
N THR A 2 8.93 4.17 1.22
CA THR A 2 7.82 3.24 1.44
C THR A 2 6.97 3.70 2.63
N CYS A 3 7.59 4.42 3.54
CA CYS A 3 6.90 4.92 4.74
C CYS A 3 7.76 5.93 5.49
N GLY A 4 8.66 6.59 4.77
CA GLY A 4 9.53 7.57 5.38
C GLY A 4 10.36 6.98 6.51
N GLY A 5 10.48 5.66 6.53
CA GLY A 5 11.24 5.00 7.58
C GLY A 5 10.39 4.09 8.44
N GLY A 6 10.79 2.83 8.55
CA GLY A 6 10.04 1.88 9.35
C GLY A 6 8.85 1.30 8.61
N TYR A 7 8.93 1.32 7.28
CA TYR A 7 7.84 0.79 6.47
C TYR A 7 7.68 -0.71 6.65
N GLY A 8 6.46 -1.19 6.49
CA GLY A 8 6.19 -2.62 6.65
C GLY A 8 6.52 -3.41 5.41
N VAL A 9 6.16 -4.69 5.41
CA VAL A 9 6.42 -5.56 4.27
C VAL A 9 5.40 -5.32 3.17
N ASP A 10 4.16 -5.04 3.56
CA ASP A 10 3.09 -4.80 2.59
C ASP A 10 2.54 -3.38 2.75
N GLN A 11 3.34 -2.50 3.34
CA GLN A 11 2.92 -1.12 3.55
C GLN A 11 3.68 -0.17 2.63
N ARG A 12 2.95 0.76 2.01
CA ARG A 12 3.55 1.73 1.10
C ARG A 12 3.12 3.14 1.43
N ARG A 13 3.87 4.12 0.95
CA ARG A 13 3.55 5.53 1.19
C ARG A 13 2.69 6.10 0.07
N THR A 14 1.64 6.81 0.45
CA THR A 14 0.73 7.41 -0.52
C THR A 14 1.39 8.57 -1.24
N ASN A 15 1.04 8.76 -2.51
CA ASN A 15 1.60 9.84 -3.32
C ASN A 15 3.08 9.59 -3.61
N SER A 16 3.49 8.32 -3.50
CA SER A 16 4.87 7.93 -3.76
C SER A 16 4.98 7.14 -5.05
N PRO A 17 6.16 7.21 -5.70
CA PRO A 17 6.42 6.50 -6.94
C PRO A 17 6.53 4.99 -6.74
N CYS A 18 5.91 4.24 -7.64
CA CYS A 18 5.94 2.77 -7.56
C CYS A 18 6.51 2.17 -8.85
N GLN A 19 6.81 0.88 -8.80
CA GLN A 19 7.36 0.18 -9.96
C GLN A 19 6.25 -0.32 -10.87
N ALA A 20 6.62 -0.70 -12.09
CA ALA A 20 5.66 -1.19 -13.06
C ALA A 20 5.05 -2.51 -12.60
N SER A 21 5.84 -3.29 -11.87
CA SER A 21 5.37 -4.59 -11.37
C SER A 21 4.36 -4.41 -10.24
N ASN A 22 4.48 -3.29 -9.54
CA ASN A 22 3.57 -3.00 -8.43
C ASN A 22 2.19 -2.62 -8.94
N GLY A 23 2.11 -2.26 -10.22
CA GLY A 23 0.85 -1.88 -10.81
C GLY A 23 -0.17 -3.01 -10.78
N ASP A 24 0.31 -4.22 -10.52
CA ASP A 24 -0.57 -5.38 -10.47
C ASP A 24 -0.57 -6.00 -9.07
N ARG A 25 -0.48 -5.14 -8.07
CA ARG A 25 -0.47 -5.60 -6.67
C ARG A 25 -1.17 -4.60 -5.77
N HIS A 26 -1.46 -5.02 -4.53
CA HIS A 26 -2.13 -4.15 -3.57
C HIS A 26 -1.33 -4.07 -2.27
N PHE A 27 -1.31 -2.89 -1.67
CA PHE A 27 -0.59 -2.68 -0.42
C PHE A 27 -1.43 -1.90 0.57
N CYS A 28 -1.29 -2.23 1.85
CA CYS A 28 -2.05 -1.56 2.91
C CYS A 28 -1.28 -0.36 3.44
N GLY A 29 -1.89 0.81 3.36
CA GLY A 29 -1.26 2.03 3.85
C GLY A 29 -0.58 1.83 5.19
N CYS A 30 0.40 2.68 5.48
CA CYS A 30 1.14 2.59 6.74
C CYS A 30 0.18 2.73 7.93
N ASP A 31 -0.99 3.31 7.68
CA ASP A 31 -1.98 3.49 8.73
C ASP A 31 -2.85 2.25 8.88
N ARG A 32 -2.72 1.32 7.94
CA ARG A 32 -3.49 0.08 7.97
C ARG A 32 -4.99 0.38 7.97
N THR A 33 -5.35 1.60 7.57
CA THR A 33 -6.75 2.01 7.52
C THR A 33 -7.26 2.05 6.10
N GLY A 34 -6.34 2.03 5.13
CA GLY A 34 -6.73 2.07 3.74
C GLY A 34 -5.73 1.34 2.85
N ILE A 35 -6.21 0.88 1.69
CA ILE A 35 -5.36 0.16 0.76
C ILE A 35 -5.08 1.01 -0.48
N VAL A 36 -3.81 1.05 -0.89
CA VAL A 36 -3.40 1.81 -2.06
C VAL A 36 -2.76 0.92 -3.11
N GLU A 37 -3.02 1.22 -4.39
CA GLU A 37 -2.46 0.44 -5.48
C GLU A 37 -1.61 1.32 -6.40
N CYS A 38 -0.59 0.72 -6.99
CA CYS A 38 0.31 1.44 -7.88
C CYS A 38 -0.42 1.87 -9.16
N LYS A 39 -0.84 3.13 -9.21
CA LYS A 39 -1.54 3.65 -10.38
C LYS A 39 -0.86 4.90 -10.92
N GLY A 40 -0.79 5.01 -12.24
CA GLY A 40 -0.17 6.15 -12.86
C GLY A 40 1.27 6.34 -12.42
N GLY A 41 1.87 5.27 -11.89
CA GLY A 41 3.24 5.34 -11.43
C GLY A 41 3.35 5.83 -9.99
N LYS A 42 2.21 6.03 -9.36
CA LYS A 42 2.17 6.49 -7.97
C LYS A 42 1.14 5.72 -7.17
N TRP A 43 1.43 5.51 -5.88
CA TRP A 43 0.52 4.79 -5.00
C TRP A 43 -0.74 5.61 -4.72
N THR A 44 -1.88 5.07 -5.14
CA THR A 44 -3.16 5.76 -4.94
C THR A 44 -4.15 4.86 -4.20
N GLU A 45 -4.87 5.45 -3.25
CA GLU A 45 -5.85 4.70 -2.48
C GLU A 45 -6.96 4.16 -3.38
N ILE A 46 -7.23 2.86 -3.28
CA ILE A 46 -8.26 2.24 -4.09
C ILE A 46 -9.34 1.60 -3.20
N GLN A 47 -9.00 1.39 -1.94
CA GLN A 47 -9.94 0.80 -0.98
C GLN A 47 -9.73 1.38 0.42
N ASP A 48 -10.80 1.39 1.20
CA ASP A 48 -10.75 1.91 2.56
C ASP A 48 -11.13 0.84 3.58
N CYS A 49 -10.19 0.50 4.45
CA CYS A 49 -10.43 -0.53 5.47
C CYS A 49 -11.20 0.06 6.65
N GLY A 50 -11.10 1.39 6.80
CA GLY A 50 -11.79 2.05 7.90
C GLY A 50 -11.00 2.00 9.19
N GLY A 51 -10.58 0.81 9.58
CA GLY A 51 -9.82 0.64 10.81
C GLY A 51 -8.37 0.29 10.54
N ALA A 52 -7.49 0.69 11.46
CA ALA A 52 -6.07 0.42 11.32
C ALA A 52 -5.75 -1.03 11.66
N SER A 53 -6.14 -1.94 10.76
CA SER A 53 -5.90 -3.36 10.97
C SER A 53 -5.56 -4.06 9.66
N CYS A 54 -5.36 -3.27 8.62
CA CYS A 54 -5.03 -3.80 7.30
C CYS A 54 -3.58 -4.27 7.25
N ARG A 55 -3.40 -5.55 6.90
CA ARG A 55 -2.06 -6.12 6.81
C ARG A 55 -1.94 -7.02 5.58
N GLY A 56 -0.78 -6.96 4.93
CA GLY A 56 -0.55 -7.77 3.75
C GLY A 56 0.79 -8.47 3.77
N VAL A 57 1.21 -8.98 2.62
CA VAL A 57 2.49 -9.67 2.52
C VAL A 57 3.46 -8.89 1.63
N SER A 58 4.74 -9.27 1.71
CA SER A 58 5.77 -8.61 0.92
C SER A 58 5.48 -8.73 -0.57
N GLN A 59 4.63 -9.69 -0.93
CA GLN A 59 4.27 -9.91 -2.32
C GLN A 59 2.94 -9.25 -2.65
N GLY A 60 2.46 -8.40 -1.76
CA GLY A 60 1.20 -7.71 -1.96
C GLY A 60 0.07 -8.34 -1.19
N GLY A 61 -1.05 -8.58 -1.85
CA GLY A 61 -2.20 -9.18 -1.20
C GLY A 61 -2.63 -8.40 0.03
N ALA A 62 -3.01 -7.15 -0.16
CA ALA A 62 -3.45 -6.30 0.94
C ALA A 62 -4.90 -6.60 1.32
N ARG A 63 -5.10 -6.98 2.57
CA ARG A 63 -6.44 -7.29 3.06
C ARG A 63 -6.68 -6.67 4.44
N CYS A 64 -7.94 -6.40 4.74
CA CYS A 64 -8.31 -5.81 6.03
C CYS A 64 -8.12 -6.81 7.16
N ASP A 1 10.98 5.49 0.60
CA ASP A 1 9.75 6.28 0.62
C ASP A 1 8.54 5.39 0.85
N THR A 2 8.77 4.16 1.29
CA THR A 2 7.70 3.21 1.54
C THR A 2 6.87 3.64 2.74
N CYS A 3 7.50 4.34 3.68
CA CYS A 3 6.82 4.79 4.89
C CYS A 3 7.68 5.80 5.65
N GLY A 4 8.58 6.46 4.93
CA GLY A 4 9.45 7.43 5.57
C GLY A 4 10.29 6.83 6.67
N GLY A 5 10.40 5.50 6.68
CA GLY A 5 11.18 4.83 7.70
C GLY A 5 10.33 3.90 8.55
N GLY A 6 10.75 2.64 8.63
CA GLY A 6 10.00 1.67 9.42
C GLY A 6 8.80 1.11 8.68
N TYR A 7 8.86 1.16 7.35
CA TYR A 7 7.77 0.65 6.53
C TYR A 7 7.63 -0.86 6.68
N GLY A 8 6.40 -1.34 6.51
CA GLY A 8 6.15 -2.77 6.64
C GLY A 8 6.44 -3.53 5.36
N VAL A 9 6.10 -4.82 5.34
CA VAL A 9 6.34 -5.66 4.18
C VAL A 9 5.28 -5.42 3.11
N ASP A 10 4.06 -5.14 3.55
CA ASP A 10 2.95 -4.90 2.62
C ASP A 10 2.41 -3.48 2.79
N GLN A 11 3.23 -2.59 3.34
CA GLN A 11 2.83 -1.21 3.58
C GLN A 11 3.59 -0.27 2.64
N ARG A 12 2.88 0.69 2.06
CA ARG A 12 3.49 1.65 1.15
C ARG A 12 3.05 3.07 1.49
N ARG A 13 3.80 4.05 1.00
CA ARG A 13 3.49 5.45 1.25
C ARG A 13 2.61 6.02 0.14
N THR A 14 1.59 6.77 0.53
CA THR A 14 0.67 7.39 -0.44
C THR A 14 1.34 8.51 -1.20
N ASN A 15 0.97 8.67 -2.46
CA ASN A 15 1.54 9.72 -3.30
C ASN A 15 3.01 9.46 -3.59
N SER A 16 3.41 8.20 -3.46
CA SER A 16 4.79 7.81 -3.70
C SER A 16 4.92 7.01 -4.99
N PRO A 17 6.09 7.10 -5.63
CA PRO A 17 6.37 6.40 -6.89
C PRO A 17 6.48 4.89 -6.69
N CYS A 18 5.87 4.13 -7.60
CA CYS A 18 5.90 2.68 -7.53
C CYS A 18 6.49 2.09 -8.81
N GLN A 19 6.78 0.79 -8.77
CA GLN A 19 7.36 0.10 -9.91
C GLN A 19 6.28 -0.30 -10.91
N ALA A 20 6.69 -0.67 -12.11
CA ALA A 20 5.76 -1.09 -13.15
C ALA A 20 5.04 -2.38 -12.77
N SER A 21 5.78 -3.30 -12.16
CA SER A 21 5.20 -4.58 -11.74
C SER A 21 4.27 -4.39 -10.55
N ASN A 22 4.50 -3.34 -9.78
CA ASN A 22 3.67 -3.05 -8.61
C ASN A 22 2.25 -2.73 -9.02
N GLY A 23 2.06 -2.36 -10.29
CA GLY A 23 0.74 -2.03 -10.79
C GLY A 23 -0.22 -3.20 -10.71
N ASP A 24 0.32 -4.40 -10.51
CA ASP A 24 -0.48 -5.61 -10.42
C ASP A 24 -0.47 -6.17 -9.00
N ARG A 25 -0.33 -5.27 -8.03
CA ARG A 25 -0.30 -5.68 -6.62
C ARG A 25 -0.97 -4.63 -5.73
N HIS A 26 -1.47 -5.07 -4.59
CA HIS A 26 -2.14 -4.17 -3.65
C HIS A 26 -1.37 -4.10 -2.33
N PHE A 27 -1.33 -2.90 -1.75
CA PHE A 27 -0.64 -2.69 -0.49
C PHE A 27 -1.51 -1.91 0.50
N CYS A 28 -1.36 -2.22 1.78
CA CYS A 28 -2.13 -1.54 2.82
C CYS A 28 -1.36 -0.37 3.40
N GLY A 29 -1.96 0.81 3.36
CA GLY A 29 -1.31 2.00 3.89
C GLY A 29 -0.63 1.75 5.22
N CYS A 30 0.36 2.56 5.54
CA CYS A 30 1.09 2.42 6.80
C CYS A 30 0.15 2.52 7.99
N ASP A 31 -0.96 3.23 7.80
CA ASP A 31 -1.95 3.40 8.86
C ASP A 31 -2.86 2.17 8.96
N ARG A 32 -2.74 1.27 7.98
CA ARG A 32 -3.55 0.07 7.96
C ARG A 32 -5.04 0.41 7.96
N THR A 33 -5.36 1.65 7.61
CA THR A 33 -6.74 2.10 7.57
C THR A 33 -7.26 2.18 6.14
N GLY A 34 -6.34 2.16 5.18
CA GLY A 34 -6.73 2.23 3.78
C GLY A 34 -5.80 1.44 2.89
N ILE A 35 -6.32 1.02 1.74
CA ILE A 35 -5.53 0.24 0.79
C ILE A 35 -5.19 1.07 -0.45
N VAL A 36 -3.91 1.05 -0.83
CA VAL A 36 -3.46 1.79 -2.01
C VAL A 36 -2.80 0.87 -3.02
N GLU A 37 -3.01 1.16 -4.30
CA GLU A 37 -2.44 0.35 -5.38
C GLU A 37 -1.60 1.21 -6.31
N CYS A 38 -0.59 0.60 -6.92
CA CYS A 38 0.30 1.31 -7.84
C CYS A 38 -0.46 1.71 -9.11
N LYS A 39 -0.85 2.99 -9.16
CA LYS A 39 -1.57 3.50 -10.32
C LYS A 39 -0.89 4.75 -10.87
N GLY A 40 -0.82 4.84 -12.19
CA GLY A 40 -0.19 5.99 -12.83
C GLY A 40 1.24 6.19 -12.39
N GLY A 41 1.84 5.13 -11.85
CA GLY A 41 3.21 5.21 -11.39
C GLY A 41 3.32 5.72 -9.96
N LYS A 42 2.17 5.94 -9.32
CA LYS A 42 2.13 6.43 -7.96
C LYS A 42 1.10 5.67 -7.13
N TRP A 43 1.41 5.44 -5.86
CA TRP A 43 0.51 4.73 -4.96
C TRP A 43 -0.74 5.55 -4.69
N THR A 44 -1.89 5.02 -5.10
CA THR A 44 -3.17 5.71 -4.90
C THR A 44 -4.16 4.83 -4.15
N GLU A 45 -4.90 5.42 -3.23
CA GLU A 45 -5.89 4.67 -2.45
C GLU A 45 -7.01 4.15 -3.34
N ILE A 46 -7.31 2.87 -3.20
CA ILE A 46 -8.35 2.23 -3.99
C ILE A 46 -9.46 1.68 -3.10
N GLN A 47 -9.14 1.46 -1.83
CA GLN A 47 -10.10 0.93 -0.88
C GLN A 47 -9.88 1.52 0.51
N ASP A 48 -10.94 1.58 1.31
CA ASP A 48 -10.86 2.13 2.65
C ASP A 48 -11.21 1.06 3.69
N CYS A 49 -10.24 0.72 4.53
CA CYS A 49 -10.44 -0.29 5.56
C CYS A 49 -11.20 0.31 6.75
N GLY A 50 -11.05 1.61 6.95
CA GLY A 50 -11.73 2.27 8.04
C GLY A 50 -10.94 2.20 9.34
N GLY A 51 -10.47 1.01 9.68
CA GLY A 51 -9.70 0.83 10.91
C GLY A 51 -8.28 0.37 10.64
N ALA A 52 -7.36 0.73 11.52
CA ALA A 52 -5.97 0.34 11.37
C ALA A 52 -5.77 -1.14 11.70
N SER A 53 -6.18 -1.99 10.77
CA SER A 53 -6.06 -3.44 10.96
C SER A 53 -5.72 -4.13 9.64
N CYS A 54 -5.46 -3.33 8.61
CA CYS A 54 -5.11 -3.86 7.30
C CYS A 54 -3.67 -4.38 7.28
N ARG A 55 -3.51 -5.65 6.91
CA ARG A 55 -2.20 -6.26 6.85
C ARG A 55 -2.07 -7.16 5.62
N GLY A 56 -0.91 -7.10 4.98
CA GLY A 56 -0.69 -7.90 3.79
C GLY A 56 0.67 -8.59 3.81
N VAL A 57 1.09 -9.09 2.65
CA VAL A 57 2.37 -9.78 2.54
C VAL A 57 3.34 -8.99 1.68
N SER A 58 4.61 -9.38 1.71
CA SER A 58 5.65 -8.70 0.93
C SER A 58 5.37 -8.82 -0.55
N GLN A 59 4.49 -9.76 -0.92
CA GLN A 59 4.13 -9.98 -2.31
C GLN A 59 2.84 -9.27 -2.66
N GLY A 60 2.37 -8.41 -1.75
CA GLY A 60 1.14 -7.68 -1.97
C GLY A 60 -0.07 -8.38 -1.40
N GLY A 61 -1.10 -8.54 -2.22
CA GLY A 61 -2.31 -9.20 -1.76
C GLY A 61 -2.85 -8.60 -0.48
N ALA A 62 -2.71 -7.29 -0.34
CA ALA A 62 -3.19 -6.60 0.85
C ALA A 62 -4.65 -6.96 1.15
N ARG A 63 -4.94 -7.23 2.42
CA ARG A 63 -6.29 -7.59 2.83
C ARG A 63 -6.68 -6.84 4.11
N CYS A 64 -7.97 -6.61 4.28
CA CYS A 64 -8.48 -5.91 5.45
C CYS A 64 -8.84 -6.90 6.55
N ASP A 1 10.95 5.61 0.65
CA ASP A 1 9.72 6.37 0.64
C ASP A 1 8.51 5.47 0.84
N THR A 2 8.77 4.23 1.27
CA THR A 2 7.71 3.26 1.50
C THR A 2 6.87 3.64 2.70
N CYS A 3 7.48 4.32 3.67
CA CYS A 3 6.78 4.74 4.88
C CYS A 3 7.62 5.74 5.66
N GLY A 4 8.51 6.44 4.96
CA GLY A 4 9.35 7.44 5.60
C GLY A 4 10.22 6.83 6.70
N GLY A 5 10.37 5.51 6.66
CA GLY A 5 11.18 4.84 7.66
C GLY A 5 10.37 3.86 8.49
N GLY A 6 10.83 2.62 8.55
CA GLY A 6 10.13 1.60 9.32
C GLY A 6 8.94 1.04 8.58
N TYR A 7 8.97 1.11 7.26
CA TYR A 7 7.87 0.62 6.43
C TYR A 7 7.74 -0.90 6.57
N GLY A 8 6.50 -1.38 6.45
CA GLY A 8 6.26 -2.81 6.56
C GLY A 8 6.51 -3.55 5.26
N VAL A 9 6.17 -4.83 5.23
CA VAL A 9 6.36 -5.65 4.04
C VAL A 9 5.28 -5.39 3.01
N ASP A 10 4.07 -5.11 3.49
CA ASP A 10 2.94 -4.83 2.60
C ASP A 10 2.42 -3.41 2.81
N GLN A 11 3.28 -2.55 3.34
CA GLN A 11 2.90 -1.16 3.59
C GLN A 11 3.64 -0.22 2.63
N ARG A 12 2.91 0.75 2.09
CA ARG A 12 3.49 1.71 1.16
C ARG A 12 3.05 3.14 1.49
N ARG A 13 3.79 4.12 0.99
CA ARG A 13 3.46 5.52 1.24
C ARG A 13 2.58 6.08 0.12
N THR A 14 1.57 6.85 0.50
CA THR A 14 0.66 7.44 -0.47
C THR A 14 1.34 8.58 -1.23
N ASN A 15 0.96 8.74 -2.49
CA ASN A 15 1.53 9.79 -3.33
C ASN A 15 3.00 9.52 -3.61
N SER A 16 3.40 8.26 -3.47
CA SER A 16 4.80 7.88 -3.70
C SER A 16 4.92 7.07 -5.00
N PRO A 17 6.09 7.16 -5.64
CA PRO A 17 6.37 6.45 -6.89
C PRO A 17 6.48 4.94 -6.69
N CYS A 18 5.87 4.19 -7.60
CA CYS A 18 5.90 2.73 -7.52
C CYS A 18 6.49 2.13 -8.80
N GLN A 19 6.79 0.84 -8.75
CA GLN A 19 7.36 0.14 -9.90
C GLN A 19 6.27 -0.30 -10.87
N ALA A 20 6.67 -0.70 -12.07
CA ALA A 20 5.72 -1.14 -13.08
C ALA A 20 5.04 -2.44 -12.66
N SER A 21 5.82 -3.33 -12.04
CA SER A 21 5.28 -4.61 -11.59
C SER A 21 4.36 -4.42 -10.39
N ASN A 22 4.58 -3.35 -9.63
CA ASN A 22 3.78 -3.06 -8.46
C ASN A 22 2.32 -2.82 -8.85
N GLY A 23 2.08 -2.54 -10.13
CA GLY A 23 0.74 -2.29 -10.61
C GLY A 23 -0.11 -3.55 -10.61
N ASP A 24 0.52 -4.69 -10.35
CA ASP A 24 -0.19 -5.97 -10.32
C ASP A 24 -0.33 -6.48 -8.89
N ARG A 25 -0.23 -5.56 -7.93
CA ARG A 25 -0.35 -5.92 -6.51
C ARG A 25 -0.87 -4.75 -5.70
N HIS A 26 -1.46 -5.05 -4.55
CA HIS A 26 -2.01 -4.03 -3.67
C HIS A 26 -1.23 -3.95 -2.38
N PHE A 27 -1.29 -2.79 -1.72
CA PHE A 27 -0.58 -2.59 -0.45
C PHE A 27 -1.44 -1.81 0.53
N CYS A 28 -1.33 -2.14 1.81
CA CYS A 28 -2.09 -1.48 2.85
C CYS A 28 -1.34 -0.27 3.39
N GLY A 29 -1.97 0.90 3.32
CA GLY A 29 -1.34 2.11 3.81
C GLY A 29 -0.67 1.93 5.14
N CYS A 30 0.31 2.78 5.45
CA CYS A 30 1.03 2.70 6.71
C CYS A 30 0.08 2.83 7.90
N ASP A 31 -1.07 3.45 7.66
CA ASP A 31 -2.07 3.65 8.70
C ASP A 31 -2.91 2.39 8.90
N ARG A 32 -2.75 1.43 7.98
CA ARG A 32 -3.50 0.18 8.05
C ARG A 32 -5.00 0.45 8.06
N THR A 33 -5.39 1.63 7.62
CA THR A 33 -6.80 2.01 7.58
C THR A 33 -7.31 2.07 6.14
N GLY A 34 -6.39 2.01 5.18
CA GLY A 34 -6.76 2.04 3.78
C GLY A 34 -5.81 1.27 2.90
N ILE A 35 -6.27 0.91 1.71
CA ILE A 35 -5.44 0.17 0.76
C ILE A 35 -5.13 0.99 -0.48
N VAL A 36 -3.86 1.03 -0.86
CA VAL A 36 -3.43 1.78 -2.04
C VAL A 36 -2.77 0.87 -3.06
N GLU A 37 -3.01 1.15 -4.34
CA GLU A 37 -2.42 0.35 -5.42
C GLU A 37 -1.59 1.23 -6.35
N CYS A 38 -0.58 0.62 -6.95
CA CYS A 38 0.31 1.34 -7.86
C CYS A 38 -0.44 1.75 -9.13
N LYS A 39 -0.84 3.01 -9.19
CA LYS A 39 -1.57 3.54 -10.34
C LYS A 39 -0.88 4.79 -10.89
N GLY A 40 -0.81 4.89 -12.22
CA GLY A 40 -0.19 6.03 -12.85
C GLY A 40 1.25 6.23 -12.40
N GLY A 41 1.85 5.17 -11.86
CA GLY A 41 3.22 5.26 -11.39
C GLY A 41 3.31 5.77 -9.97
N LYS A 42 2.17 5.99 -9.34
CA LYS A 42 2.13 6.48 -7.97
C LYS A 42 1.10 5.71 -7.15
N TRP A 43 1.40 5.50 -5.86
CA TRP A 43 0.50 4.78 -4.97
C TRP A 43 -0.75 5.59 -4.70
N THR A 44 -1.90 5.06 -5.11
CA THR A 44 -3.18 5.73 -4.92
C THR A 44 -4.17 4.83 -4.19
N GLU A 45 -4.91 5.40 -3.25
CA GLU A 45 -5.90 4.65 -2.49
C GLU A 45 -7.01 4.12 -3.40
N ILE A 46 -7.26 2.82 -3.30
CA ILE A 46 -8.29 2.18 -4.11
C ILE A 46 -9.38 1.57 -3.23
N GLN A 47 -9.08 1.40 -1.95
CA GLN A 47 -10.04 0.82 -1.02
C GLN A 47 -9.81 1.37 0.39
N ASP A 48 -10.87 1.37 1.20
CA ASP A 48 -10.78 1.86 2.57
C ASP A 48 -11.12 0.76 3.57
N CYS A 49 -10.22 0.52 4.51
CA CYS A 49 -10.42 -0.50 5.52
C CYS A 49 -11.20 0.04 6.71
N GLY A 50 -11.16 1.36 6.88
CA GLY A 50 -11.86 1.99 7.98
C GLY A 50 -11.07 1.96 9.27
N GLY A 51 -10.64 0.76 9.67
CA GLY A 51 -9.87 0.62 10.90
C GLY A 51 -8.41 0.33 10.63
N ALA A 52 -7.55 0.77 11.55
CA ALA A 52 -6.12 0.56 11.41
C ALA A 52 -5.74 -0.88 11.78
N SER A 53 -6.08 -1.81 10.90
CA SER A 53 -5.78 -3.22 11.14
C SER A 53 -5.49 -3.94 9.83
N CYS A 54 -5.31 -3.17 8.76
CA CYS A 54 -5.02 -3.73 7.45
C CYS A 54 -3.58 -4.24 7.37
N ARG A 55 -3.42 -5.52 7.04
CA ARG A 55 -2.11 -6.12 6.94
C ARG A 55 -2.02 -7.04 5.72
N GLY A 56 -0.90 -6.98 5.01
CA GLY A 56 -0.72 -7.82 3.84
C GLY A 56 0.64 -8.49 3.82
N VAL A 57 1.01 -9.02 2.65
CA VAL A 57 2.29 -9.69 2.50
C VAL A 57 3.23 -8.91 1.59
N SER A 58 4.50 -9.31 1.56
CA SER A 58 5.49 -8.64 0.72
C SER A 58 5.13 -8.74 -0.75
N GLN A 59 4.24 -9.67 -1.07
CA GLN A 59 3.79 -9.88 -2.45
C GLN A 59 2.44 -9.21 -2.69
N GLY A 60 2.06 -8.32 -1.79
CA GLY A 60 0.79 -7.63 -1.92
C GLY A 60 -0.35 -8.35 -1.24
N GLY A 61 -1.45 -8.54 -1.96
CA GLY A 61 -2.61 -9.22 -1.39
C GLY A 61 -3.13 -8.54 -0.15
N ALA A 62 -3.07 -7.21 -0.13
CA ALA A 62 -3.55 -6.43 1.01
C ALA A 62 -4.96 -6.85 1.40
N ARG A 63 -5.17 -7.07 2.70
CA ARG A 63 -6.47 -7.48 3.21
C ARG A 63 -6.83 -6.70 4.47
N CYS A 64 -8.11 -6.39 4.62
CA CYS A 64 -8.59 -5.63 5.78
C CYS A 64 -8.82 -6.57 6.96
N ASP A 1 10.87 5.68 0.67
CA ASP A 1 9.62 6.42 0.66
C ASP A 1 8.43 5.48 0.85
N THR A 2 8.71 4.26 1.30
CA THR A 2 7.67 3.27 1.51
C THR A 2 6.81 3.63 2.71
N CYS A 3 7.42 4.32 3.69
CA CYS A 3 6.70 4.72 4.89
C CYS A 3 7.52 5.73 5.69
N GLY A 4 8.41 6.44 5.00
CA GLY A 4 9.24 7.43 5.66
C GLY A 4 10.09 6.83 6.76
N GLY A 5 10.26 5.51 6.72
CA GLY A 5 11.05 4.84 7.73
C GLY A 5 10.25 3.85 8.54
N GLY A 6 10.71 2.60 8.59
CA GLY A 6 10.00 1.58 9.35
C GLY A 6 8.82 1.00 8.59
N TYR A 7 8.87 1.09 7.27
CA TYR A 7 7.81 0.59 6.43
C TYR A 7 7.69 -0.93 6.55
N GLY A 8 6.46 -1.43 6.42
CA GLY A 8 6.23 -2.87 6.52
C GLY A 8 6.51 -3.59 5.22
N VAL A 9 6.18 -4.87 5.18
CA VAL A 9 6.40 -5.68 3.98
C VAL A 9 5.30 -5.43 2.95
N ASP A 10 4.09 -5.17 3.43
CA ASP A 10 2.96 -4.92 2.54
C ASP A 10 2.42 -3.50 2.75
N GLN A 11 3.26 -2.62 3.29
CA GLN A 11 2.87 -1.24 3.54
C GLN A 11 3.60 -0.29 2.59
N ARG A 12 2.87 0.68 2.05
CA ARG A 12 3.46 1.65 1.14
C ARG A 12 3.00 3.06 1.48
N ARG A 13 3.73 4.06 0.99
CA ARG A 13 3.40 5.45 1.24
C ARG A 13 2.52 6.01 0.12
N THR A 14 1.51 6.80 0.50
CA THR A 14 0.61 7.39 -0.46
C THR A 14 1.28 8.52 -1.23
N ASN A 15 0.88 8.70 -2.49
CA ASN A 15 1.45 9.73 -3.33
C ASN A 15 2.93 9.48 -3.59
N SER A 16 3.33 8.21 -3.46
CA SER A 16 4.73 7.83 -3.67
C SER A 16 4.88 7.04 -4.97
N PRO A 17 6.08 7.13 -5.58
CA PRO A 17 6.38 6.44 -6.83
C PRO A 17 6.48 4.93 -6.63
N CYS A 18 5.88 4.18 -7.56
CA CYS A 18 5.91 2.72 -7.49
C CYS A 18 6.54 2.13 -8.75
N GLN A 19 6.83 0.84 -8.72
CA GLN A 19 7.43 0.15 -9.84
C GLN A 19 6.37 -0.25 -10.87
N ALA A 20 6.81 -0.63 -12.06
CA ALA A 20 5.90 -1.04 -13.12
C ALA A 20 5.16 -2.31 -12.75
N SER A 21 5.87 -3.25 -12.13
CA SER A 21 5.29 -4.52 -11.73
C SER A 21 4.33 -4.33 -10.55
N ASN A 22 4.56 -3.28 -9.78
CA ASN A 22 3.72 -2.97 -8.63
C ASN A 22 2.29 -2.68 -9.05
N GLY A 23 2.12 -2.34 -10.32
CA GLY A 23 0.80 -2.02 -10.84
C GLY A 23 -0.15 -3.21 -10.76
N ASP A 24 0.41 -4.40 -10.55
CA ASP A 24 -0.39 -5.61 -10.44
C ASP A 24 -0.35 -6.17 -9.02
N ARG A 25 -0.25 -5.28 -8.04
CA ARG A 25 -0.21 -5.68 -6.65
C ARG A 25 -0.92 -4.66 -5.76
N HIS A 26 -1.32 -5.10 -4.57
CA HIS A 26 -2.02 -4.22 -3.63
C HIS A 26 -1.25 -4.13 -2.32
N PHE A 27 -1.25 -2.95 -1.72
CA PHE A 27 -0.55 -2.73 -0.46
C PHE A 27 -1.42 -1.93 0.51
N CYS A 28 -1.31 -2.25 1.79
CA CYS A 28 -2.09 -1.56 2.82
C CYS A 28 -1.32 -0.36 3.37
N GLY A 29 -1.93 0.82 3.26
CA GLY A 29 -1.29 2.03 3.76
C GLY A 29 -0.67 1.83 5.13
N CYS A 30 0.29 2.69 5.46
CA CYS A 30 0.97 2.61 6.75
C CYS A 30 -0.02 2.75 7.90
N ASP A 31 -1.18 3.33 7.61
CA ASP A 31 -2.22 3.51 8.62
C ASP A 31 -3.01 2.23 8.83
N ARG A 32 -2.84 1.28 7.92
CA ARG A 32 -3.54 0.00 8.01
C ARG A 32 -5.05 0.22 7.96
N THR A 33 -5.47 1.40 7.55
CA THR A 33 -6.88 1.74 7.46
C THR A 33 -7.30 2.02 6.02
N GLY A 34 -6.34 1.91 5.10
CA GLY A 34 -6.63 2.14 3.71
C GLY A 34 -5.73 1.36 2.78
N ILE A 35 -6.26 0.93 1.64
CA ILE A 35 -5.49 0.17 0.67
C ILE A 35 -5.17 1.01 -0.57
N VAL A 36 -3.91 1.02 -0.97
CA VAL A 36 -3.47 1.77 -2.14
C VAL A 36 -2.82 0.86 -3.17
N GLU A 37 -3.05 1.16 -4.44
CA GLU A 37 -2.47 0.37 -5.52
C GLU A 37 -1.61 1.24 -6.44
N CYS A 38 -0.59 0.63 -7.04
CA CYS A 38 0.30 1.34 -7.94
C CYS A 38 -0.41 1.75 -9.21
N LYS A 39 -0.80 3.03 -9.28
CA LYS A 39 -1.50 3.54 -10.45
C LYS A 39 -0.83 4.80 -10.98
N GLY A 40 -0.70 4.91 -12.30
CA GLY A 40 -0.08 6.07 -12.89
C GLY A 40 1.34 6.27 -12.42
N GLY A 41 1.94 5.21 -11.89
CA GLY A 41 3.31 5.30 -11.41
C GLY A 41 3.39 5.80 -9.98
N LYS A 42 2.23 6.00 -9.36
CA LYS A 42 2.17 6.48 -7.98
C LYS A 42 1.12 5.70 -7.18
N TRP A 43 1.40 5.51 -5.90
CA TRP A 43 0.50 4.78 -5.02
C TRP A 43 -0.77 5.58 -4.75
N THR A 44 -1.92 5.05 -5.19
CA THR A 44 -3.19 5.73 -5.00
C THR A 44 -4.16 4.85 -4.23
N GLU A 45 -4.92 5.46 -3.31
CA GLU A 45 -5.89 4.73 -2.51
C GLU A 45 -7.03 4.19 -3.39
N ILE A 46 -7.31 2.90 -3.24
CA ILE A 46 -8.37 2.27 -4.01
C ILE A 46 -9.44 1.69 -3.10
N GLN A 47 -9.12 1.56 -1.82
CA GLN A 47 -10.06 1.02 -0.85
C GLN A 47 -9.80 1.61 0.54
N ASP A 48 -10.84 1.68 1.36
CA ASP A 48 -10.72 2.21 2.71
C ASP A 48 -11.12 1.16 3.75
N CYS A 49 -10.13 0.58 4.41
CA CYS A 49 -10.38 -0.44 5.42
C CYS A 49 -11.23 0.12 6.55
N GLY A 50 -11.08 1.41 6.82
CA GLY A 50 -11.84 2.05 7.88
C GLY A 50 -11.09 2.08 9.20
N GLY A 51 -10.43 0.97 9.53
CA GLY A 51 -9.67 0.89 10.76
C GLY A 51 -8.25 0.41 10.55
N ALA A 52 -7.34 0.88 11.40
CA ALA A 52 -5.94 0.48 11.30
C ALA A 52 -5.76 -0.99 11.68
N SER A 53 -6.05 -1.87 10.73
CA SER A 53 -5.92 -3.31 10.97
C SER A 53 -5.60 -4.03 9.67
N CYS A 54 -5.33 -3.27 8.62
CA CYS A 54 -5.00 -3.84 7.32
C CYS A 54 -3.57 -4.37 7.29
N ARG A 55 -3.41 -5.64 6.95
CA ARG A 55 -2.10 -6.26 6.89
C ARG A 55 -1.99 -7.18 5.67
N GLY A 56 -0.84 -7.11 4.99
CA GLY A 56 -0.63 -7.93 3.82
C GLY A 56 0.73 -8.60 3.81
N VAL A 57 1.14 -9.11 2.66
CA VAL A 57 2.42 -9.79 2.54
C VAL A 57 3.37 -9.00 1.63
N SER A 58 4.64 -9.38 1.64
CA SER A 58 5.65 -8.71 0.83
C SER A 58 5.32 -8.85 -0.66
N GLN A 59 4.44 -9.80 -0.98
CA GLN A 59 4.05 -10.03 -2.37
C GLN A 59 2.73 -9.32 -2.68
N GLY A 60 2.31 -8.44 -1.78
CA GLY A 60 1.07 -7.71 -1.97
C GLY A 60 -0.12 -8.38 -1.31
N GLY A 61 -1.19 -8.57 -2.08
CA GLY A 61 -2.38 -9.21 -1.54
C GLY A 61 -2.88 -8.52 -0.27
N ALA A 62 -2.73 -7.20 -0.22
CA ALA A 62 -3.17 -6.44 0.94
C ALA A 62 -4.62 -6.76 1.30
N ARG A 63 -4.84 -7.13 2.55
CA ARG A 63 -6.18 -7.46 3.02
C ARG A 63 -6.45 -6.83 4.38
N CYS A 64 -7.72 -6.51 4.63
CA CYS A 64 -8.12 -5.90 5.89
C CYS A 64 -8.02 -6.90 7.04
N ASP A 1 11.13 5.53 0.68
CA ASP A 1 9.94 6.36 0.78
C ASP A 1 8.69 5.50 0.98
N THR A 2 8.90 4.22 1.28
CA THR A 2 7.80 3.30 1.49
C THR A 2 6.93 3.74 2.65
N CYS A 3 7.51 4.48 3.58
CA CYS A 3 6.79 4.96 4.75
C CYS A 3 7.64 5.95 5.55
N GLY A 4 8.58 6.59 4.86
CA GLY A 4 9.44 7.56 5.51
C GLY A 4 10.21 6.96 6.67
N GLY A 5 10.31 5.63 6.70
CA GLY A 5 11.01 4.96 7.77
C GLY A 5 10.10 4.06 8.59
N GLY A 6 10.50 2.79 8.71
CA GLY A 6 9.70 1.85 9.47
C GLY A 6 8.55 1.27 8.67
N TYR A 7 8.67 1.30 7.35
CA TYR A 7 7.63 0.79 6.47
C TYR A 7 7.49 -0.72 6.61
N GLY A 8 6.29 -1.22 6.35
CA GLY A 8 6.04 -2.65 6.46
C GLY A 8 6.32 -3.39 5.17
N VAL A 9 5.98 -4.67 5.14
CA VAL A 9 6.20 -5.50 3.95
C VAL A 9 5.11 -5.28 2.92
N ASP A 10 3.90 -5.00 3.40
CA ASP A 10 2.76 -4.76 2.52
C ASP A 10 2.26 -3.33 2.64
N GLN A 11 3.04 -2.49 3.29
CA GLN A 11 2.68 -1.09 3.49
C GLN A 11 3.49 -0.19 2.57
N ARG A 12 2.84 0.84 2.03
CA ARG A 12 3.51 1.78 1.14
C ARG A 12 3.08 3.22 1.44
N ARG A 13 3.86 4.18 0.96
CA ARG A 13 3.57 5.59 1.19
C ARG A 13 2.70 6.15 0.06
N THR A 14 1.64 6.86 0.44
CA THR A 14 0.73 7.44 -0.54
C THR A 14 1.39 8.60 -1.28
N ASN A 15 1.03 8.78 -2.54
CA ASN A 15 1.59 9.84 -3.36
C ASN A 15 3.06 9.59 -3.66
N SER A 16 3.47 8.34 -3.52
CA SER A 16 4.86 7.96 -3.78
C SER A 16 4.97 7.13 -5.06
N PRO A 17 6.13 7.21 -5.72
CA PRO A 17 6.39 6.47 -6.96
C PRO A 17 6.51 4.97 -6.73
N CYS A 18 5.88 4.19 -7.61
CA CYS A 18 5.92 2.74 -7.50
C CYS A 18 6.53 2.11 -8.75
N GLN A 19 6.81 0.82 -8.69
CA GLN A 19 7.39 0.11 -9.82
C GLN A 19 6.31 -0.30 -10.82
N ALA A 20 6.74 -0.71 -12.01
CA ALA A 20 5.81 -1.12 -13.06
C ALA A 20 5.07 -2.39 -12.67
N SER A 21 5.80 -3.33 -12.07
CA SER A 21 5.21 -4.60 -11.64
C SER A 21 4.25 -4.39 -10.48
N ASN A 22 4.48 -3.33 -9.72
CA ASN A 22 3.64 -3.01 -8.56
C ASN A 22 2.23 -2.66 -9.01
N GLY A 23 2.08 -2.30 -10.29
CA GLY A 23 0.78 -1.94 -10.82
C GLY A 23 -0.21 -3.09 -10.75
N ASP A 24 0.30 -4.30 -10.53
CA ASP A 24 -0.54 -5.48 -10.45
C ASP A 24 -0.53 -6.06 -9.04
N ARG A 25 -0.45 -5.18 -8.05
CA ARG A 25 -0.43 -5.60 -6.65
C ARG A 25 -1.16 -4.60 -5.77
N HIS A 26 -1.43 -5.00 -4.53
CA HIS A 26 -2.13 -4.13 -3.58
C HIS A 26 -1.35 -4.01 -2.27
N PHE A 27 -1.36 -2.80 -1.70
CA PHE A 27 -0.64 -2.55 -0.45
C PHE A 27 -1.52 -1.77 0.52
N CYS A 28 -1.37 -2.06 1.81
CA CYS A 28 -2.15 -1.39 2.84
C CYS A 28 -1.36 -0.23 3.45
N GLY A 29 -1.93 0.97 3.39
CA GLY A 29 -1.26 2.13 3.93
C GLY A 29 -0.61 1.85 5.27
N CYS A 30 0.40 2.65 5.62
CA CYS A 30 1.10 2.49 6.88
C CYS A 30 0.14 2.58 8.06
N ASP A 31 -0.99 3.25 7.84
CA ASP A 31 -2.00 3.42 8.88
C ASP A 31 -2.90 2.19 8.97
N ARG A 32 -2.77 1.30 8.00
CA ARG A 32 -3.57 0.08 7.96
C ARG A 32 -5.06 0.41 7.96
N THR A 33 -5.39 1.65 7.61
CA THR A 33 -6.77 2.09 7.55
C THR A 33 -7.29 2.12 6.12
N GLY A 34 -6.37 2.16 5.16
CA GLY A 34 -6.76 2.20 3.77
C GLY A 34 -5.79 1.44 2.88
N ILE A 35 -6.26 1.00 1.73
CA ILE A 35 -5.43 0.25 0.79
C ILE A 35 -5.12 1.08 -0.45
N VAL A 36 -3.85 1.10 -0.85
CA VAL A 36 -3.43 1.86 -2.02
C VAL A 36 -2.79 0.94 -3.06
N GLU A 37 -3.03 1.24 -4.34
CA GLU A 37 -2.48 0.45 -5.43
C GLU A 37 -1.63 1.31 -6.35
N CYS A 38 -0.60 0.70 -6.94
CA CYS A 38 0.28 1.41 -7.85
C CYS A 38 -0.45 1.82 -9.12
N LYS A 39 -0.86 3.09 -9.17
CA LYS A 39 -1.57 3.60 -10.34
C LYS A 39 -0.88 4.85 -10.89
N GLY A 40 -0.83 4.96 -12.22
CA GLY A 40 -0.20 6.10 -12.84
C GLY A 40 1.24 6.28 -12.40
N GLY A 41 1.84 5.21 -11.89
CA GLY A 41 3.22 5.27 -11.43
C GLY A 41 3.34 5.75 -10.01
N LYS A 42 2.20 5.97 -9.36
CA LYS A 42 2.19 6.43 -7.98
C LYS A 42 1.15 5.67 -7.16
N TRP A 43 1.43 5.49 -5.88
CA TRP A 43 0.52 4.77 -4.99
C TRP A 43 -0.73 5.60 -4.73
N THR A 44 -1.88 5.07 -5.14
CA THR A 44 -3.15 5.76 -4.95
C THR A 44 -4.15 4.88 -4.20
N GLU A 45 -4.88 5.47 -3.27
CA GLU A 45 -5.86 4.74 -2.49
C GLU A 45 -6.97 4.20 -3.38
N ILE A 46 -7.23 2.90 -3.28
CA ILE A 46 -8.27 2.27 -4.08
C ILE A 46 -9.31 1.60 -3.20
N GLN A 47 -8.99 1.45 -1.92
CA GLN A 47 -9.91 0.84 -0.96
C GLN A 47 -9.73 1.44 0.42
N ASP A 48 -10.80 1.42 1.21
CA ASP A 48 -10.77 1.96 2.57
C ASP A 48 -11.16 0.90 3.59
N CYS A 49 -10.21 0.53 4.45
CA CYS A 49 -10.45 -0.48 5.47
C CYS A 49 -11.23 0.12 6.65
N GLY A 50 -11.11 1.43 6.83
CA GLY A 50 -11.81 2.10 7.90
C GLY A 50 -11.03 2.06 9.21
N GLY A 51 -10.56 0.87 9.59
CA GLY A 51 -9.81 0.73 10.81
C GLY A 51 -8.38 0.30 10.56
N ALA A 52 -7.48 0.69 11.46
CA ALA A 52 -6.07 0.34 11.33
C ALA A 52 -5.83 -1.13 11.67
N SER A 53 -6.22 -2.01 10.76
CA SER A 53 -6.05 -3.45 10.97
C SER A 53 -5.72 -4.15 9.65
N CYS A 54 -5.47 -3.36 8.62
CA CYS A 54 -5.13 -3.91 7.31
C CYS A 54 -3.69 -4.41 7.28
N ARG A 55 -3.53 -5.69 6.93
CA ARG A 55 -2.20 -6.29 6.86
C ARG A 55 -2.07 -7.16 5.61
N GLY A 56 -0.88 -7.13 5.01
CA GLY A 56 -0.64 -7.92 3.81
C GLY A 56 0.70 -8.63 3.85
N VAL A 57 1.15 -9.09 2.68
CA VAL A 57 2.42 -9.79 2.59
C VAL A 57 3.43 -8.99 1.77
N SER A 58 4.69 -9.42 1.83
CA SER A 58 5.76 -8.73 1.10
C SER A 58 5.45 -8.70 -0.40
N GLN A 59 4.61 -9.61 -0.84
CA GLN A 59 4.24 -9.70 -2.25
C GLN A 59 2.92 -8.98 -2.52
N GLY A 60 2.50 -8.16 -1.56
CA GLY A 60 1.25 -7.42 -1.70
C GLY A 60 0.08 -8.14 -1.06
N GLY A 61 -0.92 -8.47 -1.88
CA GLY A 61 -2.09 -9.15 -1.36
C GLY A 61 -2.68 -8.47 -0.15
N ALA A 62 -2.55 -7.14 -0.10
CA ALA A 62 -3.09 -6.36 1.02
C ALA A 62 -4.54 -6.72 1.30
N ARG A 63 -4.81 -7.13 2.54
CA ARG A 63 -6.16 -7.51 2.93
C ARG A 63 -6.52 -6.91 4.29
N CYS A 64 -7.79 -6.63 4.49
CA CYS A 64 -8.26 -6.05 5.74
C CYS A 64 -8.31 -7.10 6.85
N ASP A 1 10.87 5.59 0.69
CA ASP A 1 9.63 6.32 0.51
C ASP A 1 8.43 5.40 0.70
N THR A 2 8.67 4.24 1.29
CA THR A 2 7.61 3.27 1.54
C THR A 2 6.77 3.66 2.75
N CYS A 3 7.39 4.39 3.67
CA CYS A 3 6.70 4.83 4.87
C CYS A 3 7.57 5.79 5.67
N GLY A 4 8.48 6.47 4.98
CA GLY A 4 9.36 7.42 5.64
C GLY A 4 10.19 6.77 6.74
N GLY A 5 10.28 5.44 6.72
CA GLY A 5 11.04 4.74 7.72
C GLY A 5 10.18 3.81 8.55
N GLY A 6 10.56 2.54 8.63
CA GLY A 6 9.80 1.58 9.40
C GLY A 6 8.63 1.02 8.63
N TYR A 7 8.71 1.05 7.30
CA TYR A 7 7.65 0.55 6.45
C TYR A 7 7.54 -0.98 6.56
N GLY A 8 6.33 -1.49 6.37
CA GLY A 8 6.12 -2.92 6.45
C GLY A 8 6.37 -3.61 5.12
N VAL A 9 6.06 -4.91 5.06
CA VAL A 9 6.25 -5.68 3.84
C VAL A 9 5.12 -5.43 2.84
N ASP A 10 3.92 -5.18 3.37
CA ASP A 10 2.77 -4.91 2.52
C ASP A 10 2.25 -3.50 2.74
N GLN A 11 3.12 -2.62 3.24
CA GLN A 11 2.74 -1.24 3.49
C GLN A 11 3.52 -0.29 2.58
N ARG A 12 2.82 0.68 2.00
CA ARG A 12 3.45 1.65 1.11
C ARG A 12 3.02 3.07 1.47
N ARG A 13 3.79 4.04 1.00
CA ARG A 13 3.50 5.44 1.26
C ARG A 13 2.62 6.04 0.18
N THR A 14 1.58 6.77 0.59
CA THR A 14 0.66 7.39 -0.36
C THR A 14 1.33 8.55 -1.09
N ASN A 15 0.94 8.74 -2.35
CA ASN A 15 1.51 9.82 -3.16
C ASN A 15 2.99 9.57 -3.46
N SER A 16 3.40 8.31 -3.32
CA SER A 16 4.78 7.94 -3.57
C SER A 16 4.90 7.13 -4.86
N PRO A 17 6.08 7.21 -5.50
CA PRO A 17 6.35 6.49 -6.75
C PRO A 17 6.44 4.99 -6.55
N CYS A 18 5.82 4.23 -7.45
CA CYS A 18 5.83 2.77 -7.36
C CYS A 18 6.48 2.17 -8.61
N GLN A 19 6.76 0.87 -8.55
CA GLN A 19 7.38 0.17 -9.66
C GLN A 19 6.34 -0.23 -10.71
N ALA A 20 6.82 -0.63 -11.89
CA ALA A 20 5.93 -1.04 -12.96
C ALA A 20 5.18 -2.31 -12.60
N SER A 21 5.89 -3.26 -11.99
CA SER A 21 5.28 -4.52 -11.58
C SER A 21 4.30 -4.32 -10.44
N ASN A 22 4.52 -3.27 -9.66
CA ASN A 22 3.65 -2.96 -8.52
C ASN A 22 2.23 -2.67 -9.00
N GLY A 23 2.09 -2.33 -10.27
CA GLY A 23 0.78 -2.02 -10.83
C GLY A 23 -0.16 -3.20 -10.78
N ASP A 24 0.40 -4.39 -10.53
CA ASP A 24 -0.40 -5.61 -10.46
C ASP A 24 -0.41 -6.17 -9.04
N ARG A 25 -0.29 -5.29 -8.06
CA ARG A 25 -0.28 -5.70 -6.66
C ARG A 25 -1.00 -4.68 -5.78
N HIS A 26 -1.47 -5.14 -4.63
CA HIS A 26 -2.19 -4.27 -3.70
C HIS A 26 -1.46 -4.18 -2.36
N PHE A 27 -1.38 -2.97 -1.81
CA PHE A 27 -0.70 -2.75 -0.55
C PHE A 27 -1.59 -1.96 0.40
N CYS A 28 -1.44 -2.22 1.71
CA CYS A 28 -2.23 -1.53 2.72
C CYS A 28 -1.45 -0.36 3.31
N GLY A 29 -2.05 0.83 3.26
CA GLY A 29 -1.39 2.02 3.79
C GLY A 29 -0.76 1.76 5.15
N CYS A 30 0.23 2.57 5.48
CA CYS A 30 0.93 2.44 6.76
C CYS A 30 -0.05 2.57 7.92
N ASP A 31 -1.19 3.20 7.67
CA ASP A 31 -2.20 3.40 8.70
C ASP A 31 -3.06 2.15 8.85
N ARG A 32 -2.90 1.22 7.91
CA ARG A 32 -3.67 -0.03 7.94
C ARG A 32 -5.17 0.26 7.93
N THR A 33 -5.54 1.48 7.52
CA THR A 33 -6.93 1.88 7.47
C THR A 33 -7.45 1.93 6.04
N GLY A 34 -6.51 1.96 5.08
CA GLY A 34 -6.89 2.01 3.69
C GLY A 34 -5.91 1.26 2.80
N ILE A 35 -6.38 0.84 1.63
CA ILE A 35 -5.54 0.10 0.69
C ILE A 35 -5.22 0.96 -0.53
N VAL A 36 -3.95 0.97 -0.92
CA VAL A 36 -3.50 1.74 -2.07
C VAL A 36 -2.87 0.83 -3.13
N GLU A 37 -3.10 1.16 -4.39
CA GLU A 37 -2.55 0.38 -5.50
C GLU A 37 -1.68 1.25 -6.39
N CYS A 38 -0.66 0.64 -7.00
CA CYS A 38 0.25 1.36 -7.89
C CYS A 38 -0.46 1.79 -9.16
N LYS A 39 -0.85 3.06 -9.21
CA LYS A 39 -1.55 3.60 -10.38
C LYS A 39 -0.87 4.88 -10.87
N GLY A 40 -0.76 5.02 -12.18
CA GLY A 40 -0.14 6.20 -12.75
C GLY A 40 1.29 6.40 -12.27
N GLY A 41 1.90 5.32 -11.77
CA GLY A 41 3.25 5.40 -11.27
C GLY A 41 3.33 5.90 -9.85
N LYS A 42 2.17 6.08 -9.22
CA LYS A 42 2.10 6.56 -7.85
C LYS A 42 1.07 5.76 -7.05
N TRP A 43 1.36 5.56 -5.77
CA TRP A 43 0.46 4.81 -4.89
C TRP A 43 -0.79 5.62 -4.58
N THR A 44 -1.95 5.12 -5.01
CA THR A 44 -3.21 5.80 -4.78
C THR A 44 -4.21 4.88 -4.08
N GLU A 45 -4.94 5.43 -3.13
CA GLU A 45 -5.94 4.65 -2.39
C GLU A 45 -7.04 4.15 -3.32
N ILE A 46 -7.29 2.85 -3.26
CA ILE A 46 -8.32 2.24 -4.09
C ILE A 46 -9.42 1.59 -3.24
N GLN A 47 -9.12 1.40 -1.96
CA GLN A 47 -10.08 0.79 -1.04
C GLN A 47 -9.90 1.35 0.37
N ASP A 48 -10.99 1.36 1.13
CA ASP A 48 -10.96 1.87 2.50
C ASP A 48 -11.34 0.77 3.50
N CYS A 49 -10.38 0.40 4.34
CA CYS A 49 -10.60 -0.64 5.34
C CYS A 49 -11.43 -0.10 6.50
N GLY A 50 -11.37 1.21 6.71
CA GLY A 50 -12.11 1.83 7.79
C GLY A 50 -11.35 1.82 9.09
N GLY A 51 -10.82 0.67 9.46
CA GLY A 51 -10.06 0.56 10.70
C GLY A 51 -8.61 0.21 10.46
N ALA A 52 -7.74 0.64 11.37
CA ALA A 52 -6.32 0.37 11.26
C ALA A 52 -6.00 -1.08 11.63
N SER A 53 -6.39 -2.00 10.76
CA SER A 53 -6.16 -3.42 11.00
C SER A 53 -5.79 -4.14 9.71
N CYS A 54 -5.57 -3.36 8.65
CA CYS A 54 -5.22 -3.93 7.36
C CYS A 54 -3.77 -4.40 7.35
N ARG A 55 -3.58 -5.68 7.03
CA ARG A 55 -2.25 -6.26 7.00
C ARG A 55 -2.10 -7.21 5.80
N GLY A 56 -0.96 -7.11 5.12
CA GLY A 56 -0.72 -7.96 3.97
C GLY A 56 0.66 -8.58 3.99
N VAL A 57 1.10 -9.11 2.84
CA VAL A 57 2.41 -9.73 2.73
C VAL A 57 3.28 -8.98 1.73
N SER A 58 4.55 -9.36 1.67
CA SER A 58 5.50 -8.73 0.76
C SER A 58 5.08 -8.92 -0.69
N GLN A 59 4.33 -9.99 -0.93
CA GLN A 59 3.86 -10.30 -2.28
C GLN A 59 2.58 -9.55 -2.59
N GLY A 60 2.15 -8.69 -1.66
CA GLY A 60 0.94 -7.92 -1.86
C GLY A 60 -0.27 -8.55 -1.20
N GLY A 61 -1.34 -8.73 -1.97
CA GLY A 61 -2.56 -9.32 -1.43
C GLY A 61 -3.03 -8.62 -0.17
N ALA A 62 -2.90 -7.30 -0.15
CA ALA A 62 -3.32 -6.52 1.01
C ALA A 62 -4.76 -6.85 1.40
N ARG A 63 -4.96 -7.15 2.67
CA ARG A 63 -6.28 -7.50 3.18
C ARG A 63 -6.56 -6.81 4.51
N CYS A 64 -7.82 -6.44 4.74
CA CYS A 64 -8.20 -5.77 5.97
C CYS A 64 -7.98 -6.68 7.18
N ASP A 1 11.04 5.62 0.73
CA ASP A 1 9.81 6.41 0.76
C ASP A 1 8.60 5.50 0.94
N THR A 2 8.84 4.26 1.34
CA THR A 2 7.76 3.30 1.55
C THR A 2 6.92 3.67 2.76
N CYS A 3 7.54 4.34 3.73
CA CYS A 3 6.84 4.76 4.94
C CYS A 3 7.70 5.73 5.76
N GLY A 4 8.60 6.42 5.07
CA GLY A 4 9.47 7.37 5.75
C GLY A 4 10.31 6.72 6.83
N GLY A 5 10.42 5.40 6.78
CA GLY A 5 11.20 4.68 7.76
C GLY A 5 10.35 3.72 8.59
N GLY A 6 10.76 2.45 8.62
CA GLY A 6 10.01 1.46 9.38
C GLY A 6 8.82 0.92 8.61
N TYR A 7 8.88 1.00 7.28
CA TYR A 7 7.82 0.52 6.43
C TYR A 7 7.69 -1.00 6.52
N GLY A 8 6.47 -1.49 6.37
CA GLY A 8 6.23 -2.93 6.43
C GLY A 8 6.47 -3.61 5.09
N VAL A 9 6.14 -4.90 5.03
CA VAL A 9 6.31 -5.67 3.80
C VAL A 9 5.19 -5.40 2.81
N ASP A 10 4.00 -5.12 3.34
CA ASP A 10 2.84 -4.85 2.50
C ASP A 10 2.34 -3.42 2.73
N GLN A 11 3.21 -2.56 3.25
CA GLN A 11 2.84 -1.18 3.52
C GLN A 11 3.63 -0.23 2.61
N ARG A 12 2.91 0.75 2.06
CA ARG A 12 3.53 1.72 1.16
C ARG A 12 3.09 3.14 1.51
N ARG A 13 3.84 4.13 1.05
CA ARG A 13 3.53 5.53 1.32
C ARG A 13 2.65 6.10 0.21
N THR A 14 1.61 6.85 0.61
CA THR A 14 0.70 7.45 -0.34
C THR A 14 1.36 8.59 -1.10
N ASN A 15 0.95 8.77 -2.35
CA ASN A 15 1.51 9.83 -3.19
C ASN A 15 2.99 9.59 -3.46
N SER A 16 3.41 8.34 -3.33
CA SER A 16 4.80 7.97 -3.56
C SER A 16 4.94 7.16 -4.85
N PRO A 17 6.13 7.24 -5.47
CA PRO A 17 6.42 6.52 -6.72
C PRO A 17 6.51 5.01 -6.52
N CYS A 18 5.91 4.26 -7.42
CA CYS A 18 5.93 2.80 -7.35
C CYS A 18 6.57 2.20 -8.59
N GLN A 19 6.83 0.90 -8.54
CA GLN A 19 7.44 0.19 -9.66
C GLN A 19 6.39 -0.19 -10.70
N ALA A 20 6.84 -0.58 -11.88
CA ALA A 20 5.93 -0.99 -12.96
C ALA A 20 5.18 -2.26 -12.59
N SER A 21 5.87 -3.19 -11.94
CA SER A 21 5.26 -4.45 -11.53
C SER A 21 4.28 -4.24 -10.39
N ASN A 22 4.50 -3.18 -9.60
CA ASN A 22 3.63 -2.88 -8.48
C ASN A 22 2.22 -2.56 -8.95
N GLY A 23 2.08 -2.23 -10.23
CA GLY A 23 0.78 -1.91 -10.78
C GLY A 23 -0.18 -3.09 -10.73
N ASP A 24 0.37 -4.28 -10.48
CA ASP A 24 -0.44 -5.49 -10.40
C ASP A 24 -0.42 -6.07 -9.00
N ARG A 25 -0.31 -5.19 -8.01
CA ARG A 25 -0.28 -5.61 -6.61
C ARG A 25 -0.99 -4.59 -5.73
N HIS A 26 -1.49 -5.06 -4.58
CA HIS A 26 -2.19 -4.19 -3.64
C HIS A 26 -1.43 -4.09 -2.33
N PHE A 27 -1.36 -2.89 -1.77
CA PHE A 27 -0.66 -2.66 -0.51
C PHE A 27 -1.53 -1.87 0.47
N CYS A 28 -1.38 -2.16 1.76
CA CYS A 28 -2.15 -1.47 2.79
C CYS A 28 -1.35 -0.30 3.37
N GLY A 29 -1.95 0.89 3.31
CA GLY A 29 -1.29 2.07 3.84
C GLY A 29 -0.65 1.83 5.18
N CYS A 30 0.34 2.65 5.53
CA CYS A 30 1.05 2.51 6.80
C CYS A 30 0.07 2.65 7.97
N ASP A 31 -1.08 3.26 7.71
CA ASP A 31 -2.10 3.46 8.74
C ASP A 31 -2.95 2.21 8.89
N ARG A 32 -2.80 1.27 7.96
CA ARG A 32 -3.56 0.02 8.00
C ARG A 32 -5.06 0.31 8.01
N THR A 33 -5.43 1.51 7.58
CA THR A 33 -6.83 1.91 7.54
C THR A 33 -7.35 1.95 6.11
N GLY A 34 -6.42 2.02 5.15
CA GLY A 34 -6.81 2.06 3.75
C GLY A 34 -5.83 1.32 2.86
N ILE A 35 -6.30 0.89 1.69
CA ILE A 35 -5.46 0.17 0.75
C ILE A 35 -5.15 1.03 -0.47
N VAL A 36 -3.87 1.05 -0.86
CA VAL A 36 -3.44 1.82 -2.02
C VAL A 36 -2.80 0.93 -3.07
N GLU A 37 -3.03 1.27 -4.34
CA GLU A 37 -2.48 0.48 -5.44
C GLU A 37 -1.62 1.36 -6.34
N CYS A 38 -0.60 0.76 -6.95
CA CYS A 38 0.30 1.48 -7.83
C CYS A 38 -0.42 1.93 -9.10
N LYS A 39 -0.82 3.20 -9.14
CA LYS A 39 -1.52 3.75 -10.29
C LYS A 39 -0.80 4.99 -10.83
N GLY A 40 -0.71 5.10 -12.14
CA GLY A 40 -0.04 6.24 -12.75
C GLY A 40 1.38 6.40 -12.29
N GLY A 41 1.96 5.32 -11.76
CA GLY A 41 3.32 5.37 -11.27
C GLY A 41 3.42 5.84 -9.84
N LYS A 42 2.26 6.05 -9.21
CA LYS A 42 2.21 6.51 -7.83
C LYS A 42 1.17 5.72 -7.04
N TRP A 43 1.43 5.55 -5.75
CA TRP A 43 0.52 4.81 -4.88
C TRP A 43 -0.74 5.63 -4.59
N THR A 44 -1.89 5.12 -5.02
CA THR A 44 -3.15 5.81 -4.81
C THR A 44 -4.16 4.91 -4.10
N GLU A 45 -4.90 5.49 -3.16
CA GLU A 45 -5.90 4.73 -2.41
C GLU A 45 -6.99 4.20 -3.34
N ILE A 46 -7.23 2.90 -3.28
CA ILE A 46 -8.24 2.26 -4.10
C ILE A 46 -9.30 1.59 -3.24
N GLN A 47 -9.02 1.43 -1.96
CA GLN A 47 -9.95 0.79 -1.04
C GLN A 47 -9.79 1.36 0.37
N ASP A 48 -10.87 1.34 1.14
CA ASP A 48 -10.85 1.85 2.50
C ASP A 48 -11.22 0.76 3.50
N CYS A 49 -10.28 0.43 4.38
CA CYS A 49 -10.51 -0.61 5.39
C CYS A 49 -11.33 -0.06 6.55
N GLY A 50 -11.26 1.25 6.74
CA GLY A 50 -12.01 1.88 7.83
C GLY A 50 -11.25 1.86 9.13
N GLY A 51 -10.75 0.69 9.52
CA GLY A 51 -10.00 0.56 10.75
C GLY A 51 -8.54 0.23 10.52
N ALA A 52 -7.68 0.68 11.43
CA ALA A 52 -6.25 0.43 11.33
C ALA A 52 -5.92 -1.02 11.68
N SER A 53 -6.30 -1.94 10.81
CA SER A 53 -6.04 -3.36 11.03
C SER A 53 -5.70 -4.06 9.73
N CYS A 54 -5.49 -3.28 8.69
CA CYS A 54 -5.15 -3.82 7.38
C CYS A 54 -3.70 -4.31 7.34
N ARG A 55 -3.52 -5.59 7.02
CA ARG A 55 -2.19 -6.18 6.95
C ARG A 55 -2.06 -7.10 5.75
N GLY A 56 -0.93 -7.02 5.05
CA GLY A 56 -0.70 -7.85 3.90
C GLY A 56 0.67 -8.49 3.89
N VAL A 57 1.08 -9.01 2.74
CA VAL A 57 2.39 -9.65 2.61
C VAL A 57 3.27 -8.91 1.62
N SER A 58 4.54 -9.28 1.56
CA SER A 58 5.49 -8.65 0.66
C SER A 58 5.06 -8.84 -0.80
N GLN A 59 4.29 -9.89 -1.06
CA GLN A 59 3.82 -10.18 -2.40
C GLN A 59 2.54 -9.40 -2.70
N GLY A 60 2.12 -8.56 -1.76
CA GLY A 60 0.92 -7.76 -1.95
C GLY A 60 -0.29 -8.39 -1.29
N GLY A 61 -1.37 -8.55 -2.06
CA GLY A 61 -2.59 -9.13 -1.53
C GLY A 61 -3.05 -8.45 -0.25
N ALA A 62 -2.89 -7.14 -0.20
CA ALA A 62 -3.30 -6.37 0.97
C ALA A 62 -4.73 -6.71 1.37
N ARG A 63 -4.91 -7.04 2.65
CA ARG A 63 -6.23 -7.39 3.17
C ARG A 63 -6.48 -6.72 4.51
N CYS A 64 -7.74 -6.39 4.78
CA CYS A 64 -8.11 -5.74 6.03
C CYS A 64 -7.87 -6.68 7.22
N ASP A 1 11.13 5.56 0.73
CA ASP A 1 9.95 6.39 0.95
C ASP A 1 8.71 5.53 1.15
N THR A 2 8.92 4.23 1.31
CA THR A 2 7.82 3.29 1.52
C THR A 2 6.94 3.72 2.68
N CYS A 3 7.54 4.45 3.62
CA CYS A 3 6.80 4.93 4.79
C CYS A 3 7.63 5.94 5.58
N GLY A 4 8.55 6.61 4.88
CA GLY A 4 9.39 7.60 5.53
C GLY A 4 10.20 7.02 6.68
N GLY A 5 10.32 5.69 6.70
CA GLY A 5 11.06 5.03 7.75
C GLY A 5 10.20 4.11 8.58
N GLY A 6 10.61 2.85 8.70
CA GLY A 6 9.85 1.88 9.47
C GLY A 6 8.70 1.30 8.69
N TYR A 7 8.80 1.32 7.36
CA TYR A 7 7.75 0.79 6.51
C TYR A 7 7.62 -0.72 6.68
N GLY A 8 6.40 -1.23 6.47
CA GLY A 8 6.17 -2.65 6.60
C GLY A 8 6.48 -3.41 5.34
N VAL A 9 6.15 -4.70 5.33
CA VAL A 9 6.41 -5.55 4.16
C VAL A 9 5.35 -5.32 3.09
N ASP A 10 4.12 -5.07 3.52
CA ASP A 10 3.02 -4.84 2.59
C ASP A 10 2.46 -3.42 2.75
N GLN A 11 3.27 -2.53 3.31
CA GLN A 11 2.85 -1.15 3.52
C GLN A 11 3.64 -0.20 2.62
N ARG A 12 2.93 0.76 2.02
CA ARG A 12 3.57 1.73 1.12
C ARG A 12 3.11 3.14 1.44
N ARG A 13 3.85 4.13 0.97
CA ARG A 13 3.53 5.53 1.21
C ARG A 13 2.68 6.09 0.07
N THR A 14 1.63 6.82 0.42
CA THR A 14 0.74 7.41 -0.57
C THR A 14 1.44 8.56 -1.31
N ASN A 15 1.09 8.74 -2.57
CA ASN A 15 1.66 9.80 -3.39
C ASN A 15 3.13 9.51 -3.69
N SER A 16 3.52 8.24 -3.56
CA SER A 16 4.90 7.82 -3.81
C SER A 16 4.98 7.00 -5.09
N PRO A 17 6.15 7.05 -5.74
CA PRO A 17 6.39 6.30 -6.98
C PRO A 17 6.48 4.80 -6.75
N CYS A 18 5.84 4.03 -7.64
CA CYS A 18 5.83 2.58 -7.53
C CYS A 18 6.42 1.94 -8.79
N GLN A 19 6.69 0.63 -8.71
CA GLN A 19 7.25 -0.09 -9.84
C GLN A 19 6.16 -0.51 -10.82
N ALA A 20 6.56 -0.93 -12.01
CA ALA A 20 5.62 -1.36 -13.04
C ALA A 20 4.90 -2.65 -12.62
N SER A 21 5.63 -3.55 -11.98
CA SER A 21 5.07 -4.81 -11.52
C SER A 21 4.13 -4.60 -10.33
N ASN A 22 4.37 -3.51 -9.59
CA ASN A 22 3.56 -3.19 -8.43
C ASN A 22 2.11 -2.91 -8.85
N GLY A 23 1.91 -2.62 -10.13
CA GLY A 23 0.58 -2.34 -10.63
C GLY A 23 -0.30 -3.57 -10.66
N ASP A 24 0.30 -4.73 -10.40
CA ASP A 24 -0.44 -5.99 -10.41
C ASP A 24 -0.65 -6.50 -8.98
N ARG A 25 -0.51 -5.62 -8.01
CA ARG A 25 -0.67 -5.98 -6.62
C ARG A 25 -1.18 -4.79 -5.80
N HIS A 26 -1.73 -5.08 -4.62
CA HIS A 26 -2.24 -4.03 -3.74
C HIS A 26 -1.43 -3.93 -2.46
N PHE A 27 -1.49 -2.78 -1.81
CA PHE A 27 -0.75 -2.56 -0.57
C PHE A 27 -1.61 -1.82 0.45
N CYS A 28 -1.36 -2.07 1.72
CA CYS A 28 -2.10 -1.42 2.80
C CYS A 28 -1.29 -0.27 3.42
N GLY A 29 -1.87 0.93 3.39
CA GLY A 29 -1.20 2.08 3.94
C GLY A 29 -0.53 1.79 5.28
N CYS A 30 0.47 2.59 5.63
CA CYS A 30 1.18 2.41 6.88
C CYS A 30 0.22 2.48 8.07
N ASP A 31 -0.88 3.20 7.89
CA ASP A 31 -1.87 3.35 8.94
C ASP A 31 -2.79 2.13 9.00
N ARG A 32 -2.67 1.26 8.00
CA ARG A 32 -3.49 0.05 7.93
C ARG A 32 -4.97 0.40 7.95
N THR A 33 -5.28 1.66 7.61
CA THR A 33 -6.66 2.12 7.59
C THR A 33 -7.18 2.21 6.15
N GLY A 34 -6.26 2.22 5.19
CA GLY A 34 -6.64 2.31 3.79
C GLY A 34 -5.72 1.52 2.89
N ILE A 35 -6.24 1.08 1.75
CA ILE A 35 -5.45 0.31 0.80
C ILE A 35 -5.16 1.12 -0.45
N VAL A 36 -3.90 1.12 -0.88
CA VAL A 36 -3.49 1.85 -2.07
C VAL A 36 -2.87 0.93 -3.10
N GLU A 37 -3.11 1.23 -4.37
CA GLU A 37 -2.58 0.41 -5.46
C GLU A 37 -1.71 1.25 -6.39
N CYS A 38 -0.71 0.63 -6.98
CA CYS A 38 0.19 1.31 -7.90
C CYS A 38 -0.53 1.73 -9.17
N LYS A 39 -0.91 3.00 -9.23
CA LYS A 39 -1.61 3.53 -10.40
C LYS A 39 -0.91 4.77 -10.95
N GLY A 40 -0.85 4.86 -12.27
CA GLY A 40 -0.20 6.01 -12.90
C GLY A 40 1.24 6.18 -12.44
N GLY A 41 1.82 5.11 -11.91
CA GLY A 41 3.20 5.17 -11.44
C GLY A 41 3.30 5.68 -10.01
N LYS A 42 2.16 5.92 -9.40
CA LYS A 42 2.13 6.41 -8.02
C LYS A 42 1.08 5.67 -7.20
N TRP A 43 1.37 5.46 -5.92
CA TRP A 43 0.46 4.76 -5.03
C TRP A 43 -0.79 5.60 -4.77
N THR A 44 -1.94 5.09 -5.18
CA THR A 44 -3.20 5.78 -4.99
C THR A 44 -4.21 4.92 -4.23
N GLU A 45 -4.89 5.52 -3.27
CA GLU A 45 -5.87 4.81 -2.47
C GLU A 45 -7.03 4.32 -3.34
N ILE A 46 -7.33 3.03 -3.25
CA ILE A 46 -8.41 2.44 -4.03
C ILE A 46 -9.45 1.81 -3.13
N GLN A 47 -9.10 1.61 -1.85
CA GLN A 47 -10.02 1.02 -0.88
C GLN A 47 -9.81 1.62 0.49
N ASP A 48 -10.87 1.63 1.29
CA ASP A 48 -10.80 2.19 2.65
C ASP A 48 -11.15 1.12 3.68
N CYS A 49 -10.16 0.75 4.50
CA CYS A 49 -10.34 -0.26 5.53
C CYS A 49 -11.11 0.32 6.71
N GLY A 50 -10.95 1.62 6.96
CA GLY A 50 -11.64 2.26 8.05
C GLY A 50 -10.86 2.18 9.35
N GLY A 51 -10.35 0.99 9.66
CA GLY A 51 -9.60 0.80 10.88
C GLY A 51 -8.20 0.30 10.62
N ALA A 52 -7.26 0.65 11.51
CA ALA A 52 -5.88 0.23 11.37
C ALA A 52 -5.72 -1.25 11.67
N SER A 53 -6.12 -2.09 10.73
CA SER A 53 -6.02 -3.54 10.89
C SER A 53 -5.66 -4.21 9.58
N CYS A 54 -5.37 -3.41 8.56
CA CYS A 54 -5.00 -3.93 7.25
C CYS A 54 -3.57 -4.45 7.25
N ARG A 55 -3.41 -5.72 6.88
CA ARG A 55 -2.09 -6.34 6.83
C ARG A 55 -1.95 -7.23 5.61
N GLY A 56 -0.81 -7.13 4.94
CA GLY A 56 -0.56 -7.94 3.76
C GLY A 56 0.81 -8.57 3.75
N VAL A 57 1.23 -9.05 2.59
CA VAL A 57 2.54 -9.69 2.47
C VAL A 57 3.46 -8.88 1.57
N SER A 58 4.74 -9.25 1.55
CA SER A 58 5.73 -8.55 0.73
C SER A 58 5.40 -8.68 -0.76
N GLN A 59 4.53 -9.64 -1.07
CA GLN A 59 4.12 -9.87 -2.46
C GLN A 59 2.79 -9.19 -2.75
N GLY A 60 2.32 -8.37 -1.82
CA GLY A 60 1.06 -7.68 -2.00
C GLY A 60 -0.11 -8.43 -1.36
N GLY A 61 -1.20 -8.57 -2.09
CA GLY A 61 -2.36 -9.26 -1.58
C GLY A 61 -2.92 -8.60 -0.33
N ALA A 62 -2.74 -7.28 -0.23
CA ALA A 62 -3.22 -6.53 0.92
C ALA A 62 -4.70 -6.81 1.18
N ARG A 63 -5.00 -7.30 2.37
CA ARG A 63 -6.39 -7.62 2.74
C ARG A 63 -6.69 -7.14 4.16
N CYS A 64 -7.96 -6.86 4.42
CA CYS A 64 -8.39 -6.40 5.73
C CYS A 64 -9.27 -7.45 6.43
N ASP A 1 9.85 5.77 -1.74
CA ASP A 1 9.41 5.97 -0.36
C ASP A 1 8.35 4.95 0.03
N THR A 2 8.72 3.99 0.86
CA THR A 2 7.80 2.96 1.32
C THR A 2 6.94 3.44 2.48
N CYS A 3 7.53 4.28 3.33
CA CYS A 3 6.83 4.82 4.49
C CYS A 3 7.69 5.85 5.21
N GLY A 4 8.66 6.42 4.49
CA GLY A 4 9.54 7.41 5.09
C GLY A 4 10.26 6.90 6.30
N GLY A 5 10.32 5.58 6.44
CA GLY A 5 11.00 4.98 7.58
C GLY A 5 10.07 4.11 8.41
N GLY A 6 10.48 2.85 8.64
CA GLY A 6 9.67 1.95 9.42
C GLY A 6 8.54 1.33 8.62
N TYR A 7 8.71 1.28 7.30
CA TYR A 7 7.70 0.72 6.41
C TYR A 7 7.57 -0.78 6.63
N GLY A 8 6.35 -1.28 6.46
CA GLY A 8 6.09 -2.71 6.64
C GLY A 8 6.42 -3.52 5.40
N VAL A 9 6.08 -4.80 5.43
CA VAL A 9 6.33 -5.69 4.31
C VAL A 9 5.29 -5.49 3.21
N ASP A 10 4.06 -5.20 3.62
CA ASP A 10 2.98 -4.98 2.66
C ASP A 10 2.41 -3.57 2.79
N GLN A 11 3.21 -2.67 3.35
CA GLN A 11 2.79 -1.28 3.53
C GLN A 11 3.56 -0.35 2.60
N ARG A 12 2.85 0.61 2.03
CA ARG A 12 3.45 1.57 1.11
C ARG A 12 3.08 3.00 1.48
N ARG A 13 3.85 3.96 0.99
CA ARG A 13 3.60 5.37 1.27
C ARG A 13 2.74 5.99 0.17
N THR A 14 1.68 6.69 0.60
CA THR A 14 0.78 7.34 -0.35
C THR A 14 1.45 8.51 -1.05
N ASN A 15 1.08 8.73 -2.31
CA ASN A 15 1.66 9.83 -3.09
C ASN A 15 3.13 9.57 -3.38
N SER A 16 3.54 8.30 -3.27
CA SER A 16 4.93 7.92 -3.53
C SER A 16 5.04 7.13 -4.83
N PRO A 17 6.22 7.21 -5.46
CA PRO A 17 6.49 6.51 -6.72
C PRO A 17 6.57 5.00 -6.53
N CYS A 18 5.96 4.26 -7.46
CA CYS A 18 5.96 2.80 -7.40
C CYS A 18 6.58 2.20 -8.65
N GLN A 19 6.84 0.90 -8.63
CA GLN A 19 7.43 0.21 -9.76
C GLN A 19 6.38 -0.16 -10.79
N ALA A 20 6.81 -0.54 -11.98
CA ALA A 20 5.89 -0.93 -13.04
C ALA A 20 5.13 -2.20 -12.69
N SER A 21 5.83 -3.14 -12.06
CA SER A 21 5.22 -4.40 -11.67
C SER A 21 4.26 -4.20 -10.50
N ASN A 22 4.50 -3.15 -9.72
CA ASN A 22 3.66 -2.85 -8.57
C ASN A 22 2.24 -2.53 -9.00
N GLY A 23 2.08 -2.17 -10.28
CA GLY A 23 0.77 -1.84 -10.80
C GLY A 23 -0.19 -3.00 -10.73
N ASP A 24 0.35 -4.20 -10.52
CA ASP A 24 -0.48 -5.40 -10.43
C ASP A 24 -0.44 -5.99 -9.03
N ARG A 25 -0.34 -5.12 -8.03
CA ARG A 25 -0.29 -5.55 -6.63
C ARG A 25 -0.98 -4.54 -5.72
N HIS A 26 -1.41 -5.00 -4.56
CA HIS A 26 -2.08 -4.14 -3.59
C HIS A 26 -1.34 -4.11 -2.27
N PHE A 27 -1.28 -2.93 -1.65
CA PHE A 27 -0.59 -2.76 -0.38
C PHE A 27 -1.45 -1.96 0.60
N CYS A 28 -1.37 -2.33 1.88
CA CYS A 28 -2.13 -1.65 2.91
C CYS A 28 -1.36 -0.45 3.47
N GLY A 29 -1.98 0.72 3.43
CA GLY A 29 -1.34 1.92 3.92
C GLY A 29 -0.63 1.69 5.25
N CYS A 30 0.37 2.53 5.53
CA CYS A 30 1.12 2.41 6.77
C CYS A 30 0.21 2.51 7.99
N ASP A 31 -0.95 3.13 7.80
CA ASP A 31 -1.92 3.30 8.87
C ASP A 31 -2.85 2.08 8.96
N ARG A 32 -2.76 1.21 7.96
CA ARG A 32 -3.59 0.01 7.93
C ARG A 32 -5.08 0.37 7.93
N THR A 33 -5.37 1.63 7.59
CA THR A 33 -6.75 2.10 7.55
C THR A 33 -7.29 2.10 6.12
N GLY A 34 -6.38 2.08 5.15
CA GLY A 34 -6.79 2.08 3.75
C GLY A 34 -5.81 1.35 2.87
N ILE A 35 -6.27 0.89 1.71
CA ILE A 35 -5.43 0.18 0.76
C ILE A 35 -5.12 1.04 -0.46
N VAL A 36 -3.84 1.06 -0.84
CA VAL A 36 -3.42 1.85 -2.01
C VAL A 36 -2.77 0.95 -3.06
N GLU A 37 -3.01 1.28 -4.33
CA GLU A 37 -2.46 0.51 -5.43
C GLU A 37 -1.59 1.39 -6.34
N CYS A 38 -0.58 0.79 -6.95
CA CYS A 38 0.32 1.51 -7.83
C CYS A 38 -0.40 1.96 -9.10
N LYS A 39 -0.79 3.23 -9.13
CA LYS A 39 -1.49 3.78 -10.28
C LYS A 39 -0.77 5.03 -10.80
N GLY A 40 -0.68 5.14 -12.12
CA GLY A 40 -0.02 6.28 -12.73
C GLY A 40 1.41 6.45 -12.25
N GLY A 41 1.99 5.37 -11.73
CA GLY A 41 3.35 5.42 -11.25
C GLY A 41 3.44 5.89 -9.81
N LYS A 42 2.28 6.10 -9.18
CA LYS A 42 2.23 6.55 -7.80
C LYS A 42 1.19 5.76 -7.01
N TRP A 43 1.47 5.54 -5.73
CA TRP A 43 0.56 4.81 -4.87
C TRP A 43 -0.69 5.63 -4.55
N THR A 44 -1.84 5.14 -4.99
CA THR A 44 -3.10 5.83 -4.77
C THR A 44 -4.11 4.93 -4.06
N GLU A 45 -4.85 5.50 -3.11
CA GLU A 45 -5.84 4.75 -2.35
C GLU A 45 -6.94 4.22 -3.27
N ILE A 46 -7.20 2.92 -3.18
CA ILE A 46 -8.22 2.29 -4.01
C ILE A 46 -9.32 1.68 -3.14
N GLN A 47 -9.01 1.48 -1.87
CA GLN A 47 -9.99 0.91 -0.94
C GLN A 47 -9.80 1.48 0.46
N ASP A 48 -10.89 1.53 1.23
CA ASP A 48 -10.84 2.05 2.59
C ASP A 48 -11.24 0.98 3.59
N CYS A 49 -10.30 0.62 4.47
CA CYS A 49 -10.56 -0.40 5.49
C CYS A 49 -11.32 0.20 6.67
N GLY A 50 -11.19 1.51 6.85
CA GLY A 50 -11.87 2.18 7.95
C GLY A 50 -11.08 2.13 9.24
N GLY A 51 -10.59 0.95 9.60
CA GLY A 51 -9.82 0.81 10.81
C GLY A 51 -8.40 0.33 10.56
N ALA A 52 -7.48 0.70 11.43
CA ALA A 52 -6.08 0.31 11.30
C ALA A 52 -5.89 -1.18 11.62
N SER A 53 -6.33 -2.03 10.70
CA SER A 53 -6.20 -3.47 10.88
C SER A 53 -5.82 -4.16 9.57
N CYS A 54 -5.58 -3.35 8.54
CA CYS A 54 -5.21 -3.88 7.24
C CYS A 54 -3.77 -4.39 7.23
N ARG A 55 -3.59 -5.65 6.89
CA ARG A 55 -2.26 -6.25 6.84
C ARG A 55 -2.12 -7.17 5.64
N GLY A 56 -0.95 -7.13 5.00
CA GLY A 56 -0.71 -7.97 3.85
C GLY A 56 0.64 -8.65 3.89
N VAL A 57 1.08 -9.18 2.76
CA VAL A 57 2.36 -9.87 2.68
C VAL A 57 3.34 -9.11 1.80
N SER A 58 4.62 -9.48 1.88
CA SER A 58 5.66 -8.83 1.09
C SER A 58 5.37 -8.98 -0.40
N GLN A 59 4.53 -9.94 -0.75
CA GLN A 59 4.17 -10.18 -2.14
C GLN A 59 2.89 -9.46 -2.52
N GLY A 60 2.42 -8.58 -1.62
CA GLY A 60 1.21 -7.83 -1.89
C GLY A 60 -0.01 -8.46 -1.23
N GLY A 61 -1.08 -8.61 -2.01
CA GLY A 61 -2.29 -9.20 -1.48
C GLY A 61 -2.79 -8.50 -0.23
N ALA A 62 -2.83 -7.17 -0.28
CA ALA A 62 -3.28 -6.39 0.86
C ALA A 62 -4.74 -6.67 1.18
N ARG A 63 -5.01 -7.05 2.43
CA ARG A 63 -6.36 -7.35 2.86
C ARG A 63 -6.65 -6.75 4.23
N CYS A 64 -7.92 -6.49 4.50
CA CYS A 64 -8.33 -5.91 5.78
C CYS A 64 -8.23 -6.93 6.91
N ASP A 1 9.43 5.89 -1.94
CA ASP A 1 9.16 5.95 -0.51
C ASP A 1 8.12 4.91 -0.11
N THR A 2 8.54 3.94 0.70
CA THR A 2 7.64 2.88 1.16
C THR A 2 6.83 3.33 2.36
N CYS A 3 7.44 4.15 3.21
CA CYS A 3 6.77 4.65 4.41
C CYS A 3 7.63 5.70 5.11
N GLY A 4 8.56 6.28 4.37
CA GLY A 4 9.43 7.30 4.93
C GLY A 4 10.23 6.79 6.12
N GLY A 5 10.33 5.46 6.23
CA GLY A 5 11.06 4.86 7.33
C GLY A 5 10.20 3.95 8.18
N GLY A 6 10.65 2.71 8.37
CA GLY A 6 9.90 1.76 9.16
C GLY A 6 8.74 1.15 8.39
N TYR A 7 8.85 1.15 7.08
CA TYR A 7 7.80 0.60 6.22
C TYR A 7 7.67 -0.91 6.44
N GLY A 8 6.45 -1.41 6.33
CA GLY A 8 6.20 -2.82 6.52
C GLY A 8 6.47 -3.62 5.26
N VAL A 9 6.13 -4.91 5.30
CA VAL A 9 6.34 -5.79 4.15
C VAL A 9 5.27 -5.58 3.09
N ASP A 10 4.05 -5.29 3.54
CA ASP A 10 2.93 -5.07 2.63
C ASP A 10 2.38 -3.65 2.80
N GLN A 11 3.21 -2.76 3.33
CA GLN A 11 2.80 -1.37 3.54
C GLN A 11 3.50 -0.45 2.55
N ARG A 12 2.77 0.57 2.08
CA ARG A 12 3.33 1.52 1.14
C ARG A 12 2.95 2.95 1.53
N ARG A 13 3.69 3.92 0.99
CA ARG A 13 3.44 5.33 1.28
C ARG A 13 2.59 5.97 0.19
N THR A 14 1.55 6.69 0.60
CA THR A 14 0.66 7.35 -0.35
C THR A 14 1.35 8.52 -1.02
N ASN A 15 1.00 8.77 -2.28
CA ASN A 15 1.60 9.87 -3.04
C ASN A 15 3.07 9.61 -3.31
N SER A 16 3.47 8.34 -3.20
CA SER A 16 4.87 7.96 -3.44
C SER A 16 5.01 7.18 -4.73
N PRO A 17 6.19 7.25 -5.35
CA PRO A 17 6.48 6.56 -6.61
C PRO A 17 6.58 5.05 -6.42
N CYS A 18 5.99 4.30 -7.35
CA CYS A 18 6.00 2.85 -7.28
C CYS A 18 6.62 2.25 -8.55
N GLN A 19 6.90 0.95 -8.52
CA GLN A 19 7.49 0.27 -9.65
C GLN A 19 6.42 -0.10 -10.69
N ALA A 20 6.86 -0.47 -11.88
CA ALA A 20 5.95 -0.86 -12.95
C ALA A 20 5.20 -2.13 -12.59
N SER A 21 5.92 -3.10 -12.03
CA SER A 21 5.31 -4.38 -11.64
C SER A 21 4.35 -4.19 -10.48
N ASN A 22 4.58 -3.15 -9.68
CA ASN A 22 3.73 -2.87 -8.53
C ASN A 22 2.32 -2.49 -8.98
N GLY A 23 2.19 -2.11 -10.24
CA GLY A 23 0.89 -1.74 -10.78
C GLY A 23 -0.11 -2.87 -10.73
N ASP A 24 0.39 -4.09 -10.53
CA ASP A 24 -0.46 -5.26 -10.47
C ASP A 24 -0.46 -5.87 -9.07
N ARG A 25 -0.32 -5.02 -8.06
CA ARG A 25 -0.28 -5.46 -6.68
C ARG A 25 -0.96 -4.45 -5.75
N HIS A 26 -1.44 -4.92 -4.62
CA HIS A 26 -2.11 -4.04 -3.65
C HIS A 26 -1.35 -4.04 -2.32
N PHE A 27 -1.29 -2.88 -1.69
CA PHE A 27 -0.60 -2.74 -0.41
C PHE A 27 -1.45 -1.93 0.58
N CYS A 28 -1.38 -2.32 1.85
CA CYS A 28 -2.13 -1.63 2.89
C CYS A 28 -1.37 -0.42 3.43
N GLY A 29 -2.01 0.74 3.39
CA GLY A 29 -1.36 1.95 3.87
C GLY A 29 -0.64 1.75 5.18
N CYS A 30 0.33 2.61 5.45
CA CYS A 30 1.11 2.52 6.69
C CYS A 30 0.21 2.60 7.92
N ASP A 31 -0.97 3.20 7.74
CA ASP A 31 -1.92 3.35 8.82
C ASP A 31 -2.83 2.12 8.92
N ARG A 32 -2.73 1.24 7.93
CA ARG A 32 -3.54 0.03 7.91
C ARG A 32 -5.03 0.36 7.92
N THR A 33 -5.34 1.61 7.58
CA THR A 33 -6.74 2.06 7.55
C THR A 33 -7.29 2.06 6.13
N GLY A 34 -6.38 2.12 5.16
CA GLY A 34 -6.80 2.13 3.76
C GLY A 34 -5.83 1.38 2.87
N ILE A 35 -6.31 0.95 1.71
CA ILE A 35 -5.49 0.21 0.77
C ILE A 35 -5.17 1.06 -0.46
N VAL A 36 -3.90 1.10 -0.85
CA VAL A 36 -3.47 1.88 -2.00
C VAL A 36 -2.80 0.98 -3.03
N GLU A 37 -3.00 1.30 -4.31
CA GLU A 37 -2.42 0.52 -5.39
C GLU A 37 -1.56 1.40 -6.29
N CYS A 38 -0.53 0.80 -6.88
CA CYS A 38 0.37 1.53 -7.77
C CYS A 38 -0.35 1.98 -9.04
N LYS A 39 -0.74 3.24 -9.08
CA LYS A 39 -1.44 3.78 -10.23
C LYS A 39 -0.74 5.04 -10.75
N GLY A 40 -0.66 5.17 -12.07
CA GLY A 40 -0.02 6.33 -12.67
C GLY A 40 1.41 6.51 -12.19
N GLY A 41 2.00 5.44 -11.67
CA GLY A 41 3.36 5.49 -11.18
C GLY A 41 3.45 5.96 -9.74
N LYS A 42 2.29 6.17 -9.12
CA LYS A 42 2.23 6.61 -7.74
C LYS A 42 1.17 5.83 -6.95
N TRP A 43 1.45 5.59 -5.68
CA TRP A 43 0.52 4.84 -4.84
C TRP A 43 -0.74 5.66 -4.57
N THR A 44 -1.88 5.14 -5.03
CA THR A 44 -3.15 5.81 -4.85
C THR A 44 -4.15 4.92 -4.13
N GLU A 45 -4.90 5.52 -3.19
CA GLU A 45 -5.90 4.76 -2.43
C GLU A 45 -6.99 4.21 -3.35
N ILE A 46 -7.25 2.92 -3.22
CA ILE A 46 -8.28 2.28 -4.04
C ILE A 46 -9.36 1.64 -3.16
N GLN A 47 -9.06 1.50 -1.88
CA GLN A 47 -10.01 0.91 -0.94
C GLN A 47 -9.81 1.49 0.46
N ASP A 48 -10.89 1.50 1.24
CA ASP A 48 -10.85 2.03 2.59
C ASP A 48 -11.25 0.95 3.61
N CYS A 49 -10.29 0.57 4.46
CA CYS A 49 -10.55 -0.45 5.47
C CYS A 49 -11.33 0.14 6.64
N GLY A 50 -11.19 1.44 6.87
CA GLY A 50 -11.90 2.09 7.95
C GLY A 50 -11.11 2.06 9.25
N GLY A 51 -10.54 0.90 9.57
CA GLY A 51 -9.78 0.76 10.79
C GLY A 51 -8.35 0.32 10.53
N ALA A 52 -7.44 0.71 11.42
CA ALA A 52 -6.04 0.35 11.28
C ALA A 52 -5.81 -1.12 11.64
N SER A 53 -6.23 -2.00 10.74
CA SER A 53 -6.07 -3.44 10.95
C SER A 53 -5.72 -4.15 9.65
N CYS A 54 -5.49 -3.36 8.60
CA CYS A 54 -5.15 -3.91 7.30
C CYS A 54 -3.71 -4.41 7.27
N ARG A 55 -3.53 -5.68 6.95
CA ARG A 55 -2.19 -6.28 6.90
C ARG A 55 -2.07 -7.22 5.71
N GLY A 56 -0.92 -7.18 5.04
CA GLY A 56 -0.71 -8.04 3.89
C GLY A 56 0.65 -8.71 3.92
N VAL A 57 1.07 -9.26 2.79
CA VAL A 57 2.36 -9.94 2.69
C VAL A 57 3.31 -9.18 1.77
N SER A 58 4.59 -9.55 1.81
CA SER A 58 5.60 -8.90 0.99
C SER A 58 5.27 -9.06 -0.49
N GLN A 59 4.42 -10.04 -0.80
CA GLN A 59 4.03 -10.30 -2.18
C GLN A 59 2.78 -9.52 -2.55
N GLY A 60 2.34 -8.65 -1.64
CA GLY A 60 1.15 -7.85 -1.89
C GLY A 60 -0.11 -8.48 -1.30
N GLY A 61 -1.14 -8.60 -2.12
CA GLY A 61 -2.38 -9.19 -1.67
C GLY A 61 -2.88 -8.56 -0.38
N ALA A 62 -2.74 -7.24 -0.27
CA ALA A 62 -3.18 -6.52 0.91
C ALA A 62 -4.62 -6.87 1.27
N ARG A 63 -4.85 -7.20 2.54
CA ARG A 63 -6.18 -7.56 3.00
C ARG A 63 -6.49 -6.88 4.33
N CYS A 64 -7.76 -6.55 4.53
CA CYS A 64 -8.19 -5.89 5.76
C CYS A 64 -8.07 -6.84 6.96
N ASP A 1 9.60 5.78 -1.85
CA ASP A 1 9.15 6.05 -0.50
C ASP A 1 8.07 5.06 -0.09
N THR A 2 8.45 4.06 0.70
CA THR A 2 7.51 3.05 1.16
C THR A 2 6.74 3.53 2.39
N CYS A 3 7.39 4.35 3.20
CA CYS A 3 6.76 4.89 4.40
C CYS A 3 7.66 5.92 5.08
N GLY A 4 8.59 6.48 4.30
CA GLY A 4 9.51 7.47 4.85
C GLY A 4 10.32 6.93 6.01
N GLY A 5 10.38 5.61 6.13
CA GLY A 5 11.12 5.00 7.21
C GLY A 5 10.25 4.14 8.10
N GLY A 6 10.65 2.89 8.29
CA GLY A 6 9.88 1.98 9.13
C GLY A 6 8.70 1.37 8.40
N TYR A 7 8.78 1.33 7.08
CA TYR A 7 7.72 0.77 6.26
C TYR A 7 7.59 -0.74 6.48
N GLY A 8 6.36 -1.24 6.36
CA GLY A 8 6.13 -2.66 6.56
C GLY A 8 6.41 -3.47 5.31
N VAL A 9 6.07 -4.75 5.35
CA VAL A 9 6.30 -5.64 4.21
C VAL A 9 5.23 -5.45 3.14
N ASP A 10 4.01 -5.17 3.59
CA ASP A 10 2.89 -4.96 2.66
C ASP A 10 2.33 -3.55 2.81
N GLN A 11 3.14 -2.64 3.35
CA GLN A 11 2.72 -1.26 3.56
C GLN A 11 3.43 -0.33 2.58
N ARG A 12 2.69 0.65 2.07
CA ARG A 12 3.24 1.62 1.13
C ARG A 12 2.88 3.04 1.52
N ARG A 13 3.62 4.01 0.98
CA ARG A 13 3.38 5.41 1.28
C ARG A 13 2.48 6.04 0.23
N THR A 14 1.50 6.83 0.67
CA THR A 14 0.58 7.50 -0.22
C THR A 14 1.26 8.63 -0.98
N ASN A 15 0.84 8.84 -2.22
CA ASN A 15 1.41 9.91 -3.06
C ASN A 15 2.90 9.67 -3.28
N SER A 16 3.32 8.41 -3.18
CA SER A 16 4.72 8.05 -3.38
C SER A 16 4.90 7.27 -4.67
N PRO A 17 6.11 7.36 -5.25
CA PRO A 17 6.44 6.67 -6.50
C PRO A 17 6.53 5.16 -6.33
N CYS A 18 5.98 4.42 -7.27
CA CYS A 18 6.01 2.96 -7.22
C CYS A 18 6.62 2.38 -8.49
N GLN A 19 6.91 1.09 -8.46
CA GLN A 19 7.51 0.41 -9.61
C GLN A 19 6.43 0.02 -10.62
N ALA A 20 6.87 -0.35 -11.83
CA ALA A 20 5.95 -0.75 -12.88
C ALA A 20 5.23 -2.05 -12.51
N SER A 21 5.97 -2.99 -11.95
CA SER A 21 5.40 -4.28 -11.56
C SER A 21 4.42 -4.10 -10.39
N ASN A 22 4.64 -3.06 -9.60
CA ASN A 22 3.78 -2.78 -8.45
C ASN A 22 2.36 -2.43 -8.91
N GLY A 23 2.23 -2.05 -10.17
CA GLY A 23 0.93 -1.69 -10.70
C GLY A 23 -0.04 -2.86 -10.69
N ASP A 24 0.49 -4.06 -10.50
CA ASP A 24 -0.34 -5.27 -10.47
C ASP A 24 -0.35 -5.87 -9.07
N ARG A 25 -0.28 -5.03 -8.05
CA ARG A 25 -0.29 -5.48 -6.66
C ARG A 25 -1.01 -4.48 -5.77
N HIS A 26 -1.41 -4.93 -4.59
CA HIS A 26 -2.11 -4.09 -3.63
C HIS A 26 -1.38 -4.05 -2.30
N PHE A 27 -1.30 -2.88 -1.69
CA PHE A 27 -0.63 -2.71 -0.41
C PHE A 27 -1.49 -1.89 0.55
N CYS A 28 -1.43 -2.25 1.83
CA CYS A 28 -2.20 -1.55 2.86
C CYS A 28 -1.42 -0.35 3.39
N GLY A 29 -2.02 0.83 3.30
CA GLY A 29 -1.38 2.03 3.79
C GLY A 29 -0.72 1.83 5.14
N CYS A 30 0.28 2.66 5.43
CA CYS A 30 1.00 2.57 6.71
C CYS A 30 0.03 2.74 7.88
N ASP A 31 -1.11 3.35 7.62
CA ASP A 31 -2.12 3.57 8.66
C ASP A 31 -2.96 2.31 8.87
N ARG A 32 -2.81 1.35 7.97
CA ARG A 32 -3.57 0.10 8.06
C ARG A 32 -5.07 0.37 8.06
N THR A 33 -5.45 1.57 7.63
CA THR A 33 -6.86 1.95 7.59
C THR A 33 -7.37 2.02 6.16
N GLY A 34 -6.46 2.01 5.20
CA GLY A 34 -6.83 2.07 3.81
C GLY A 34 -5.86 1.32 2.91
N ILE A 35 -6.34 0.91 1.74
CA ILE A 35 -5.51 0.18 0.79
C ILE A 35 -5.17 1.04 -0.42
N VAL A 36 -3.90 1.07 -0.78
CA VAL A 36 -3.44 1.85 -1.93
C VAL A 36 -2.77 0.96 -2.97
N GLU A 37 -2.97 1.29 -4.24
CA GLU A 37 -2.38 0.52 -5.34
C GLU A 37 -1.53 1.41 -6.23
N CYS A 38 -0.50 0.83 -6.82
CA CYS A 38 0.40 1.57 -7.70
C CYS A 38 -0.33 1.99 -8.98
N LYS A 39 -0.74 3.25 -9.04
CA LYS A 39 -1.44 3.78 -10.19
C LYS A 39 -0.75 5.03 -10.73
N GLY A 40 -0.64 5.13 -12.05
CA GLY A 40 0.01 6.27 -12.66
C GLY A 40 1.42 6.47 -12.17
N GLY A 41 2.01 5.41 -11.62
CA GLY A 41 3.37 5.50 -11.11
C GLY A 41 3.42 6.01 -9.69
N LYS A 42 2.26 6.19 -9.08
CA LYS A 42 2.18 6.67 -7.71
C LYS A 42 1.15 5.87 -6.92
N TRP A 43 1.42 5.68 -5.62
CA TRP A 43 0.52 4.94 -4.75
C TRP A 43 -0.76 5.73 -4.49
N THR A 44 -1.89 5.18 -4.93
CA THR A 44 -3.18 5.85 -4.74
C THR A 44 -4.17 4.93 -4.04
N GLU A 45 -4.95 5.49 -3.13
CA GLU A 45 -5.94 4.70 -2.39
C GLU A 45 -7.00 4.16 -3.33
N ILE A 46 -7.26 2.85 -3.23
CA ILE A 46 -8.26 2.21 -4.07
C ILE A 46 -9.36 1.57 -3.23
N GLN A 47 -9.09 1.43 -1.93
CA GLN A 47 -10.06 0.83 -1.02
C GLN A 47 -9.86 1.37 0.40
N ASP A 48 -10.93 1.35 1.18
CA ASP A 48 -10.88 1.83 2.56
C ASP A 48 -11.18 0.70 3.54
N CYS A 49 -10.27 0.47 4.48
CA CYS A 49 -10.45 -0.58 5.47
C CYS A 49 -11.27 -0.08 6.66
N GLY A 50 -11.27 1.23 6.85
CA GLY A 50 -12.02 1.82 7.94
C GLY A 50 -11.25 1.81 9.25
N GLY A 51 -10.74 0.64 9.63
CA GLY A 51 -9.99 0.52 10.86
C GLY A 51 -8.52 0.23 10.62
N ALA A 52 -7.67 0.68 11.53
CA ALA A 52 -6.23 0.48 11.41
C ALA A 52 -5.85 -0.95 11.78
N SER A 53 -6.18 -1.90 10.91
CA SER A 53 -5.87 -3.30 11.15
C SER A 53 -5.56 -4.02 9.83
N CYS A 54 -5.37 -3.25 8.77
CA CYS A 54 -5.06 -3.80 7.46
C CYS A 54 -3.62 -4.30 7.41
N ARG A 55 -3.46 -5.58 7.09
CA ARG A 55 -2.13 -6.19 7.00
C ARG A 55 -2.03 -7.12 5.80
N GLY A 56 -0.89 -7.08 5.13
CA GLY A 56 -0.69 -7.93 3.97
C GLY A 56 0.65 -8.63 3.98
N VAL A 57 1.06 -9.16 2.82
CA VAL A 57 2.33 -9.85 2.71
C VAL A 57 3.31 -9.08 1.81
N SER A 58 4.58 -9.45 1.88
CA SER A 58 5.60 -8.79 1.07
C SER A 58 5.31 -8.94 -0.41
N GLN A 59 4.46 -9.92 -0.75
CA GLN A 59 4.10 -10.17 -2.13
C GLN A 59 2.80 -9.46 -2.50
N GLY A 60 2.33 -8.59 -1.60
CA GLY A 60 1.12 -7.85 -1.85
C GLY A 60 -0.10 -8.51 -1.23
N GLY A 61 -1.17 -8.65 -2.01
CA GLY A 61 -2.38 -9.26 -1.52
C GLY A 61 -2.85 -8.65 -0.21
N ALA A 62 -2.87 -7.32 -0.15
CA ALA A 62 -3.30 -6.62 1.04
C ALA A 62 -4.75 -6.97 1.40
N ARG A 63 -4.99 -7.19 2.69
CA ARG A 63 -6.33 -7.54 3.16
C ARG A 63 -6.68 -6.76 4.42
N CYS A 64 -7.96 -6.39 4.55
CA CYS A 64 -8.42 -5.63 5.70
C CYS A 64 -8.64 -6.56 6.91
N ASP A 1 9.67 5.82 -1.88
CA ASP A 1 9.32 5.96 -0.47
C ASP A 1 8.27 4.93 -0.07
N THR A 2 8.66 3.98 0.77
CA THR A 2 7.76 2.93 1.23
C THR A 2 6.93 3.41 2.41
N CYS A 3 7.53 4.24 3.24
CA CYS A 3 6.84 4.78 4.42
C CYS A 3 7.71 5.81 5.13
N GLY A 4 8.67 6.37 4.41
CA GLY A 4 9.54 7.37 4.98
C GLY A 4 10.29 6.85 6.20
N GLY A 5 10.35 5.53 6.34
CA GLY A 5 11.04 4.94 7.47
C GLY A 5 10.13 4.06 8.30
N GLY A 6 10.55 2.81 8.51
CA GLY A 6 9.75 1.88 9.29
C GLY A 6 8.61 1.28 8.50
N TYR A 7 8.77 1.25 7.18
CA TYR A 7 7.75 0.70 6.29
C TYR A 7 7.60 -0.81 6.53
N GLY A 8 6.38 -1.30 6.33
CA GLY A 8 6.12 -2.72 6.51
C GLY A 8 6.41 -3.53 5.27
N VAL A 9 6.05 -4.82 5.29
CA VAL A 9 6.29 -5.70 4.16
C VAL A 9 5.24 -5.49 3.07
N ASP A 10 4.02 -5.19 3.48
CA ASP A 10 2.93 -4.95 2.54
C ASP A 10 2.38 -3.54 2.69
N GLN A 11 3.19 -2.65 3.24
CA GLN A 11 2.79 -1.26 3.44
C GLN A 11 3.56 -0.34 2.50
N ARG A 12 2.87 0.64 1.95
CA ARG A 12 3.48 1.60 1.04
C ARG A 12 3.10 3.03 1.41
N ARG A 13 3.88 3.99 0.92
CA ARG A 13 3.62 5.40 1.21
C ARG A 13 2.73 6.02 0.13
N THR A 14 1.70 6.74 0.57
CA THR A 14 0.77 7.38 -0.35
C THR A 14 1.44 8.53 -1.09
N ASN A 15 1.01 8.74 -2.34
CA ASN A 15 1.57 9.80 -3.17
C ASN A 15 3.05 9.55 -3.45
N SER A 16 3.47 8.30 -3.32
CA SER A 16 4.87 7.93 -3.56
C SER A 16 5.00 7.13 -4.85
N PRO A 17 6.19 7.20 -5.47
CA PRO A 17 6.48 6.49 -6.72
C PRO A 17 6.55 4.97 -6.53
N CYS A 18 5.94 4.24 -7.45
CA CYS A 18 5.94 2.78 -7.39
C CYS A 18 6.57 2.18 -8.64
N GLN A 19 6.82 0.88 -8.59
CA GLN A 19 7.42 0.17 -9.72
C GLN A 19 6.37 -0.19 -10.75
N ALA A 20 6.82 -0.58 -11.94
CA ALA A 20 5.92 -0.96 -13.02
C ALA A 20 5.16 -2.24 -12.67
N SER A 21 5.85 -3.19 -12.05
CA SER A 21 5.24 -4.45 -11.66
C SER A 21 4.27 -4.26 -10.49
N ASN A 22 4.50 -3.21 -9.71
CA ASN A 22 3.65 -2.91 -8.57
C ASN A 22 2.23 -2.58 -9.02
N GLY A 23 2.08 -2.22 -10.29
CA GLY A 23 0.78 -1.89 -10.82
C GLY A 23 -0.19 -3.06 -10.77
N ASP A 24 0.35 -4.25 -10.57
CA ASP A 24 -0.46 -5.46 -10.50
C ASP A 24 -0.44 -6.05 -9.10
N ARG A 25 -0.36 -5.18 -8.09
CA ARG A 25 -0.32 -5.62 -6.70
C ARG A 25 -1.03 -4.61 -5.80
N HIS A 26 -1.46 -5.07 -4.64
CA HIS A 26 -2.14 -4.21 -3.67
C HIS A 26 -1.38 -4.14 -2.36
N PHE A 27 -1.34 -2.94 -1.77
CA PHE A 27 -0.64 -2.74 -0.51
C PHE A 27 -1.49 -1.94 0.47
N CYS A 28 -1.38 -2.26 1.76
CA CYS A 28 -2.14 -1.56 2.78
C CYS A 28 -1.35 -0.39 3.34
N GLY A 29 -1.93 0.81 3.27
CA GLY A 29 -1.26 1.99 3.78
C GLY A 29 -0.61 1.75 5.12
N CYS A 30 0.39 2.57 5.44
CA CYS A 30 1.11 2.43 6.70
C CYS A 30 0.16 2.58 7.89
N ASP A 31 -0.98 3.22 7.64
CA ASP A 31 -1.98 3.44 8.68
C ASP A 31 -2.85 2.19 8.86
N ARG A 32 -2.73 1.25 7.93
CA ARG A 32 -3.50 0.02 7.98
C ARG A 32 -4.99 0.31 8.01
N THR A 33 -5.36 1.52 7.59
CA THR A 33 -6.76 1.94 7.56
C THR A 33 -7.27 2.05 6.13
N GLY A 34 -6.35 2.00 5.17
CA GLY A 34 -6.73 2.10 3.78
C GLY A 34 -5.78 1.34 2.86
N ILE A 35 -6.27 0.94 1.70
CA ILE A 35 -5.46 0.21 0.74
C ILE A 35 -5.14 1.06 -0.49
N VAL A 36 -3.88 1.06 -0.89
CA VAL A 36 -3.45 1.84 -2.05
C VAL A 36 -2.83 0.94 -3.12
N GLU A 37 -3.06 1.29 -4.38
CA GLU A 37 -2.52 0.51 -5.49
C GLU A 37 -1.64 1.38 -6.38
N CYS A 38 -0.63 0.75 -6.99
CA CYS A 38 0.29 1.46 -7.87
C CYS A 38 -0.41 1.90 -9.14
N LYS A 39 -0.78 3.18 -9.20
CA LYS A 39 -1.46 3.73 -10.37
C LYS A 39 -0.75 4.99 -10.86
N GLY A 40 -0.65 5.12 -12.18
CA GLY A 40 0.00 6.28 -12.76
C GLY A 40 1.43 6.44 -12.27
N GLY A 41 2.01 5.36 -11.78
CA GLY A 41 3.38 5.40 -11.29
C GLY A 41 3.45 5.87 -9.85
N LYS A 42 2.30 6.07 -9.22
CA LYS A 42 2.24 6.51 -7.84
C LYS A 42 1.20 5.71 -7.05
N TRP A 43 1.46 5.54 -5.76
CA TRP A 43 0.53 4.80 -4.89
C TRP A 43 -0.71 5.64 -4.59
N THR A 44 -1.87 5.15 -5.02
CA THR A 44 -3.12 5.84 -4.79
C THR A 44 -4.12 4.94 -4.08
N GLU A 45 -4.86 5.51 -3.13
CA GLU A 45 -5.86 4.76 -2.38
C GLU A 45 -6.96 4.24 -3.30
N ILE A 46 -7.25 2.95 -3.19
CA ILE A 46 -8.29 2.34 -4.02
C ILE A 46 -9.41 1.76 -3.16
N GLN A 47 -9.12 1.55 -1.87
CA GLN A 47 -10.11 1.01 -0.95
C GLN A 47 -9.86 1.53 0.46
N ASP A 48 -10.91 1.57 1.26
CA ASP A 48 -10.81 2.04 2.64
C ASP A 48 -11.16 0.91 3.62
N CYS A 49 -10.20 0.58 4.48
CA CYS A 49 -10.41 -0.47 5.47
C CYS A 49 -11.21 0.04 6.66
N GLY A 50 -11.16 1.35 6.88
CA GLY A 50 -11.89 1.95 7.98
C GLY A 50 -11.09 1.91 9.28
N GLY A 51 -10.60 0.72 9.63
CA GLY A 51 -9.84 0.57 10.86
C GLY A 51 -8.38 0.23 10.60
N ALA A 52 -7.50 0.65 11.51
CA ALA A 52 -6.08 0.38 11.37
C ALA A 52 -5.77 -1.08 11.71
N SER A 53 -6.13 -1.99 10.82
CA SER A 53 -5.90 -3.41 11.03
C SER A 53 -5.57 -4.11 9.72
N CYS A 54 -5.36 -3.32 8.66
CA CYS A 54 -5.04 -3.85 7.35
C CYS A 54 -3.61 -4.36 7.30
N ARG A 55 -3.45 -5.63 6.96
CA ARG A 55 -2.13 -6.25 6.87
C ARG A 55 -2.03 -7.15 5.64
N GLY A 56 -0.88 -7.11 4.97
CA GLY A 56 -0.67 -7.93 3.79
C GLY A 56 0.67 -8.62 3.79
N VAL A 57 1.07 -9.14 2.65
CA VAL A 57 2.35 -9.84 2.51
C VAL A 57 3.31 -9.07 1.62
N SER A 58 4.59 -9.45 1.67
CA SER A 58 5.61 -8.79 0.87
C SER A 58 5.31 -8.93 -0.62
N GLN A 59 4.44 -9.87 -0.96
CA GLN A 59 4.07 -10.11 -2.35
C GLN A 59 2.77 -9.39 -2.69
N GLY A 60 2.31 -8.53 -1.78
CA GLY A 60 1.08 -7.80 -2.01
C GLY A 60 -0.10 -8.44 -1.32
N GLY A 61 -1.19 -8.62 -2.07
CA GLY A 61 -2.39 -9.23 -1.51
C GLY A 61 -2.83 -8.55 -0.23
N ALA A 62 -3.15 -7.27 -0.31
CA ALA A 62 -3.58 -6.51 0.86
C ALA A 62 -5.01 -6.88 1.25
N ARG A 63 -5.22 -7.13 2.54
CA ARG A 63 -6.53 -7.48 3.05
C ARG A 63 -6.86 -6.72 4.33
N CYS A 64 -8.13 -6.36 4.49
CA CYS A 64 -8.57 -5.62 5.66
C CYS A 64 -8.83 -6.56 6.84
#